data_2ZIR
#
_entry.id   2ZIR
#
_cell.length_a   171.996
_cell.length_b   171.996
_cell.length_c   69.179
_cell.angle_alpha   90.000
_cell.angle_beta   90.000
_cell.angle_gamma   120.000
#
_symmetry.space_group_name_H-M   'P 61'
#
loop_
_entity.id
_entity.type
_entity.pdbx_description
1 polymer 'Protein farnesyltransferase subunit alpha'
2 polymer 'Protein farnesyltransferase subunit beta'
3 non-polymer GLYCEROL
4 non-polymer 'ZINC ION'
5 non-polymer 'FARNESYL DIPHOSPHATE'
6 non-polymer 2-[(S)-(4-chlorophenyl)(hydroxy)(1-methyl-1H-imidazol-5-yl)methyl]-N-morpholin-4-yl-7-phenyl-1-benzofuran-5-carboxamide
7 water water
#
loop_
_entity_poly.entity_id
_entity_poly.type
_entity_poly.pdbx_seq_one_letter_code
_entity_poly.pdbx_strand_id
1 'polypeptide(L)'
;MAATEGVGESAPGGEPGQPEQPPPPPPPPPAQQPQEEEMAAEAGEAAASPMDDGFLSLDSPTYVLYRDRAEWADIDPVPQ
NDGPSPVVQIIYSEKFRDVYDYFRAVLQRDERSERAFKLTRDAIELNAANYTVWHFRRVLLRSLQKDLQEEMNYITAIIE
EQPKNYQVWHHRRVLVEWLKDPSQELEFIADILNQDAKNYHAWQHRQWVIQEFRLWDNELQYVDQLLKEDVRNNSVWNQR
HFVISNTTGYSDRAVLEREVQYTLEMIKLVPHNESAWNYLKGILQDRGLSRYPNLLNQLLDLQPSHSSPYLIAFLVDIYE
DMLENQCDNKEDILNKALELCEILAKEKDTIRKEYWRYIGRSLQSKHSRESDIPASV
;
A
2 'polypeptide(L)'
;GSHMASSSSFTYYCPPSSSPVWSEPLYSLRPEHARERLQDDSVETVTSIEQAKVEEKIQEVFSSYKFNHLVPRLVLQREK
HFHYLKRGLRQLTDAYECLDASRPWLCYWILHSLELLDEPIPQIVATDVCQFLELCQSPDGGFGGGPGQYPHLAPTYAAV
NALCIIGTEEAYNVINREKLLQYLYSLKQPDGSFLMHVGGEVDVRSAYCAASVASLTNIITPDLFEGTAEWIARCQNWEG
GIGGVPGMEAHGGYTFCGLAALVILKKERSLNLKSLLQWVTSRQMRFEGGFQGRCNKLVDGCYSFWQAGLLPLLHRALHA
QGDPALSMSHWMFHQQALQEYILMCCQCPAGGLLDKPGKSRDFYHTCYCLSGLSIAQHFGSGAMLHDVVMGVPENVLQPT
HPVYNIGPDKVIQATTHFLQKPVPGFEECEDAVTSDPATD
;
B
#
loop_
_chem_comp.id
_chem_comp.type
_chem_comp.name
_chem_comp.formula
FPP non-polymer 'FARNESYL DIPHOSPHATE' 'C15 H28 O7 P2'
GOL non-polymer GLYCEROL 'C3 H8 O3'
NH7 non-polymer 2-[(S)-(4-chlorophenyl)(hydroxy)(1-methyl-1H-imidazol-5-yl)methyl]-N-morpholin-4-yl-7-phenyl-1-benzofuran-5-carboxamide 'C30 H27 Cl N4 O4'
ZN non-polymer 'ZINC ION' 'Zn 2'
#
# COMPACT_ATOMS: atom_id res chain seq x y z
N PHE A 55 -28.94 -20.58 15.61
CA PHE A 55 -27.56 -20.02 15.67
C PHE A 55 -26.92 -20.23 17.05
N LEU A 56 -25.73 -20.82 17.06
CA LEU A 56 -25.00 -21.03 18.30
C LEU A 56 -23.68 -20.27 18.18
N SER A 57 -23.65 -19.09 18.80
CA SER A 57 -22.49 -18.22 18.78
C SER A 57 -21.18 -18.95 19.05
N LEU A 58 -20.16 -18.58 18.28
CA LEU A 58 -18.83 -19.16 18.37
C LEU A 58 -18.20 -18.77 19.70
N ASP A 59 -18.81 -17.82 20.39
CA ASP A 59 -18.31 -17.34 21.67
C ASP A 59 -19.17 -17.81 22.85
N SER A 60 -20.30 -18.44 22.53
CA SER A 60 -21.23 -18.94 23.53
C SER A 60 -20.58 -19.95 24.48
N PRO A 61 -21.00 -19.93 25.75
CA PRO A 61 -20.42 -20.88 26.71
C PRO A 61 -20.83 -22.32 26.39
N THR A 62 -21.99 -22.48 25.75
CA THR A 62 -22.48 -23.81 25.40
C THR A 62 -22.13 -24.21 23.96
N TYR A 63 -21.14 -23.54 23.36
CA TYR A 63 -20.74 -23.86 21.99
C TYR A 63 -20.19 -25.28 21.99
N VAL A 64 -20.54 -26.02 20.93
CA VAL A 64 -20.10 -27.41 20.77
C VAL A 64 -19.42 -27.59 19.39
N LEU A 65 -18.29 -28.28 19.35
CA LEU A 65 -17.61 -28.53 18.08
C LEU A 65 -18.59 -29.22 17.15
N TYR A 66 -18.41 -29.02 15.84
CA TYR A 66 -19.29 -29.64 14.85
C TYR A 66 -19.23 -31.17 14.84
N ARG A 67 -18.10 -31.74 15.20
CA ARG A 67 -17.99 -33.20 15.21
C ARG A 67 -18.82 -33.80 16.35
N ASP A 68 -19.24 -32.96 17.30
CA ASP A 68 -20.06 -33.43 18.41
C ASP A 68 -21.51 -32.99 18.23
N ARG A 69 -21.88 -32.61 17.01
CA ARG A 69 -23.25 -32.18 16.75
C ARG A 69 -24.02 -33.25 16.00
N ALA A 70 -25.14 -33.65 16.58
CA ALA A 70 -26.00 -34.67 15.99
C ALA A 70 -26.43 -34.39 14.56
N GLU A 71 -26.95 -33.18 14.33
CA GLU A 71 -27.42 -32.82 12.99
C GLU A 71 -26.32 -32.78 11.92
N TRP A 72 -25.10 -33.16 12.30
CA TRP A 72 -23.96 -33.19 11.37
C TRP A 72 -23.31 -34.58 11.33
N ALA A 73 -23.89 -35.53 12.05
CA ALA A 73 -23.35 -36.90 12.11
C ALA A 73 -23.21 -37.61 10.76
N ASP A 74 -24.10 -37.31 9.82
CA ASP A 74 -24.07 -37.94 8.50
C ASP A 74 -22.85 -37.53 7.68
N ILE A 75 -22.37 -36.32 7.89
CA ILE A 75 -21.23 -35.77 7.15
C ILE A 75 -19.86 -36.11 7.73
N ASP A 76 -18.96 -36.57 6.87
CA ASP A 76 -17.59 -36.88 7.28
C ASP A 76 -16.78 -35.61 6.99
N PRO A 77 -16.13 -35.05 8.01
CA PRO A 77 -15.35 -33.84 7.75
C PRO A 77 -14.18 -34.14 6.83
N VAL A 78 -13.72 -33.13 6.09
CA VAL A 78 -12.60 -33.28 5.18
C VAL A 78 -11.38 -32.54 5.71
N PRO A 79 -10.38 -33.27 6.22
CA PRO A 79 -9.18 -32.61 6.74
C PRO A 79 -8.38 -31.94 5.65
N GLN A 80 -7.69 -30.86 6.01
CA GLN A 80 -6.89 -30.11 5.05
C GLN A 80 -5.63 -30.88 4.70
N ASN A 81 -5.36 -30.98 3.41
CA ASN A 81 -4.18 -31.69 2.94
C ASN A 81 -3.01 -30.75 2.66
N ASP A 82 -2.07 -30.66 3.61
CA ASP A 82 -0.90 -29.81 3.45
C ASP A 82 0.29 -30.58 2.89
N GLY A 83 0.06 -31.85 2.55
CA GLY A 83 1.12 -32.68 2.01
C GLY A 83 1.94 -33.38 3.08
N PRO A 84 2.87 -34.28 2.69
CA PRO A 84 3.70 -35.01 3.65
C PRO A 84 4.60 -34.12 4.53
N SER A 85 5.32 -33.18 3.92
CA SER A 85 6.19 -32.26 4.66
C SER A 85 5.64 -30.84 4.57
N PRO A 86 4.77 -30.45 5.50
CA PRO A 86 4.18 -29.11 5.49
C PRO A 86 5.15 -27.95 5.59
N VAL A 87 4.72 -26.83 5.01
CA VAL A 87 5.46 -25.58 5.02
C VAL A 87 4.46 -24.55 5.57
N VAL A 88 4.95 -23.52 6.26
CA VAL A 88 4.08 -22.50 6.86
C VAL A 88 2.78 -23.12 7.38
N GLN A 89 2.92 -24.24 8.06
CA GLN A 89 1.79 -24.96 8.64
C GLN A 89 1.32 -24.27 9.90
N ILE A 90 0.02 -24.01 9.96
CA ILE A 90 -0.56 -23.33 11.10
C ILE A 90 -1.17 -24.36 12.05
N ILE A 91 -0.78 -24.31 13.32
CA ILE A 91 -1.32 -25.25 14.29
C ILE A 91 -2.62 -24.64 14.79
N TYR A 92 -3.69 -24.84 14.02
CA TYR A 92 -4.99 -24.29 14.37
C TYR A 92 -5.55 -24.81 15.69
N SER A 93 -6.42 -24.01 16.29
CA SER A 93 -7.06 -24.41 17.53
C SER A 93 -8.06 -25.48 17.11
N GLU A 94 -8.57 -26.24 18.07
CA GLU A 94 -9.53 -27.30 17.77
C GLU A 94 -10.79 -26.69 17.15
N LYS A 95 -11.21 -25.53 17.67
CA LYS A 95 -12.40 -24.88 17.18
C LYS A 95 -12.28 -24.48 15.71
N PHE A 96 -11.12 -23.96 15.32
CA PHE A 96 -10.86 -23.55 13.95
C PHE A 96 -10.85 -24.76 13.00
N ARG A 97 -9.96 -25.71 13.28
CA ARG A 97 -9.82 -26.91 12.46
C ARG A 97 -11.15 -27.68 12.33
N ASP A 98 -11.95 -27.66 13.38
CA ASP A 98 -13.23 -28.34 13.37
C ASP A 98 -14.20 -27.68 12.40
N VAL A 99 -14.35 -26.37 12.50
CA VAL A 99 -15.24 -25.63 11.61
C VAL A 99 -14.81 -25.77 10.14
N TYR A 100 -13.52 -25.61 9.88
CA TYR A 100 -13.06 -25.71 8.50
C TYR A 100 -13.04 -27.11 7.91
N ASP A 101 -12.94 -28.15 8.74
CA ASP A 101 -12.95 -29.51 8.21
C ASP A 101 -14.35 -29.79 7.69
N TYR A 102 -15.35 -29.24 8.35
CA TYR A 102 -16.72 -29.41 7.90
C TYR A 102 -17.03 -28.45 6.75
N PHE A 103 -16.37 -27.29 6.71
CA PHE A 103 -16.61 -26.36 5.61
C PHE A 103 -16.11 -27.05 4.34
N ARG A 104 -14.91 -27.63 4.42
CA ARG A 104 -14.33 -28.33 3.27
C ARG A 104 -15.26 -29.44 2.80
N ALA A 105 -15.95 -30.09 3.74
CA ALA A 105 -16.85 -31.18 3.39
C ALA A 105 -18.04 -30.62 2.63
N VAL A 106 -18.58 -29.52 3.12
CA VAL A 106 -19.73 -28.92 2.46
C VAL A 106 -19.37 -28.29 1.13
N LEU A 107 -18.13 -27.84 0.98
CA LEU A 107 -17.68 -27.23 -0.26
C LEU A 107 -17.48 -28.31 -1.32
N GLN A 108 -16.80 -29.40 -0.94
CA GLN A 108 -16.57 -30.51 -1.86
C GLN A 108 -17.89 -31.05 -2.41
N ARG A 109 -18.78 -31.41 -1.49
CA ARG A 109 -20.07 -31.95 -1.86
C ARG A 109 -21.00 -30.87 -2.41
N ASP A 110 -20.55 -29.61 -2.36
CA ASP A 110 -21.35 -28.48 -2.84
C ASP A 110 -22.78 -28.55 -2.28
N GLU A 111 -22.88 -28.78 -0.99
CA GLU A 111 -24.16 -28.87 -0.31
C GLU A 111 -24.71 -27.47 -0.04
N ARG A 112 -25.74 -27.08 -0.79
CA ARG A 112 -26.31 -25.76 -0.62
C ARG A 112 -27.48 -25.82 0.33
N SER A 113 -27.16 -26.06 1.60
CA SER A 113 -28.15 -26.19 2.65
C SER A 113 -28.10 -25.11 3.72
N GLU A 114 -29.22 -24.96 4.39
CA GLU A 114 -29.36 -23.99 5.48
C GLU A 114 -28.28 -24.20 6.54
N ARG A 115 -27.94 -25.46 6.82
CA ARG A 115 -26.92 -25.70 7.83
C ARG A 115 -25.56 -25.26 7.30
N ALA A 116 -25.33 -25.41 6.01
CA ALA A 116 -24.06 -25.00 5.40
C ALA A 116 -23.98 -23.47 5.46
N PHE A 117 -25.11 -22.81 5.24
CA PHE A 117 -25.14 -21.36 5.28
C PHE A 117 -24.77 -20.90 6.68
N LYS A 118 -25.28 -21.58 7.69
CA LYS A 118 -24.97 -21.20 9.06
C LYS A 118 -23.51 -21.48 9.36
N LEU A 119 -22.98 -22.52 8.76
CA LEU A 119 -21.59 -22.87 8.95
C LEU A 119 -20.65 -21.79 8.39
N THR A 120 -20.98 -21.24 7.21
CA THR A 120 -20.09 -20.22 6.64
C THR A 120 -19.94 -19.03 7.59
N ARG A 121 -20.99 -18.74 8.35
CA ARG A 121 -20.95 -17.64 9.29
C ARG A 121 -19.86 -17.86 10.32
N ASP A 122 -19.69 -19.12 10.75
CA ASP A 122 -18.66 -19.45 11.74
C ASP A 122 -17.28 -19.46 11.10
N ALA A 123 -17.20 -19.90 9.84
CA ALA A 123 -15.91 -19.94 9.17
C ALA A 123 -15.46 -18.50 8.93
N ILE A 124 -16.41 -17.65 8.57
CA ILE A 124 -16.11 -16.24 8.36
C ILE A 124 -15.63 -15.63 9.67
N GLU A 125 -16.37 -15.86 10.75
CA GLU A 125 -15.97 -15.30 12.03
C GLU A 125 -14.55 -15.71 12.44
N LEU A 126 -14.20 -16.97 12.18
CA LEU A 126 -12.87 -17.45 12.51
C LEU A 126 -11.79 -16.82 11.64
N ASN A 127 -12.14 -16.47 10.40
CA ASN A 127 -11.21 -15.81 9.48
C ASN A 127 -11.95 -15.08 8.37
N ALA A 128 -12.28 -13.82 8.65
CA ALA A 128 -13.02 -12.98 7.72
C ALA A 128 -12.29 -12.75 6.40
N ALA A 129 -11.01 -13.10 6.35
CA ALA A 129 -10.21 -12.92 5.15
C ALA A 129 -10.31 -14.10 4.20
N ASN A 130 -11.00 -15.15 4.60
CA ASN A 130 -11.12 -16.28 3.71
C ASN A 130 -12.17 -15.99 2.63
N TYR A 131 -11.70 -15.45 1.50
CA TYR A 131 -12.56 -15.09 0.38
C TYR A 131 -13.29 -16.29 -0.25
N THR A 132 -12.73 -17.49 -0.13
CA THR A 132 -13.41 -18.67 -0.67
C THR A 132 -14.71 -18.92 0.09
N VAL A 133 -14.67 -18.78 1.41
CA VAL A 133 -15.88 -18.97 2.19
C VAL A 133 -16.90 -17.91 1.82
N TRP A 134 -16.46 -16.67 1.66
CA TRP A 134 -17.38 -15.59 1.28
C TRP A 134 -18.07 -15.87 -0.06
N HIS A 135 -17.33 -16.48 -0.99
CA HIS A 135 -17.91 -16.79 -2.29
C HIS A 135 -18.99 -17.87 -2.15
N PHE A 136 -18.72 -18.90 -1.37
CA PHE A 136 -19.69 -19.95 -1.16
C PHE A 136 -20.92 -19.37 -0.45
N ARG A 137 -20.70 -18.46 0.48
CA ARG A 137 -21.83 -17.86 1.17
C ARG A 137 -22.73 -17.10 0.20
N ARG A 138 -22.14 -16.43 -0.78
CA ARG A 138 -22.95 -15.71 -1.75
C ARG A 138 -23.68 -16.71 -2.65
N VAL A 139 -23.07 -17.86 -2.88
CA VAL A 139 -23.73 -18.88 -3.68
C VAL A 139 -24.98 -19.33 -2.91
N LEU A 140 -24.82 -19.57 -1.60
CA LEU A 140 -25.93 -19.99 -0.77
C LEU A 140 -27.04 -18.94 -0.70
N LEU A 141 -26.66 -17.67 -0.66
CA LEU A 141 -27.65 -16.61 -0.59
C LEU A 141 -28.58 -16.69 -1.80
N ARG A 142 -28.02 -16.91 -2.99
CA ARG A 142 -28.82 -17.01 -4.20
C ARG A 142 -29.61 -18.31 -4.24
N SER A 143 -28.89 -19.42 -4.14
CA SER A 143 -29.47 -20.75 -4.19
C SER A 143 -30.57 -21.03 -3.16
N LEU A 144 -30.42 -20.50 -1.96
CA LEU A 144 -31.41 -20.71 -0.91
C LEU A 144 -32.47 -19.62 -0.86
N GLN A 145 -32.27 -18.57 -1.63
CA GLN A 145 -33.22 -17.46 -1.65
C GLN A 145 -33.37 -16.85 -0.24
N LYS A 146 -32.24 -16.50 0.36
CA LYS A 146 -32.24 -15.90 1.69
C LYS A 146 -32.61 -14.42 1.60
N ASP A 147 -33.33 -13.94 2.61
CA ASP A 147 -33.75 -12.54 2.66
C ASP A 147 -32.47 -11.70 2.72
N LEU A 148 -32.27 -10.86 1.71
CA LEU A 148 -31.07 -10.03 1.62
C LEU A 148 -30.95 -8.87 2.61
N GLN A 149 -32.05 -8.40 3.19
CA GLN A 149 -31.96 -7.33 4.18
C GLN A 149 -31.45 -7.96 5.48
N GLU A 150 -31.81 -9.23 5.70
CA GLU A 150 -31.36 -9.93 6.89
C GLU A 150 -29.83 -10.03 6.73
N GLU A 151 -29.39 -10.35 5.52
CA GLU A 151 -27.96 -10.46 5.24
C GLU A 151 -27.32 -9.07 5.36
N MET A 152 -28.08 -8.02 5.07
CA MET A 152 -27.57 -6.66 5.19
C MET A 152 -27.32 -6.31 6.66
N ASN A 153 -28.22 -6.74 7.55
CA ASN A 153 -28.05 -6.47 8.97
C ASN A 153 -26.81 -7.23 9.43
N TYR A 154 -26.62 -8.43 8.89
CA TYR A 154 -25.48 -9.25 9.24
C TYR A 154 -24.15 -8.59 8.86
N ILE A 155 -24.04 -8.12 7.62
CA ILE A 155 -22.80 -7.50 7.16
C ILE A 155 -22.55 -6.17 7.87
N THR A 156 -23.61 -5.51 8.30
CA THR A 156 -23.48 -4.25 9.01
C THR A 156 -22.75 -4.53 10.33
N ALA A 157 -23.14 -5.61 10.99
CA ALA A 157 -22.53 -5.99 12.26
C ALA A 157 -21.08 -6.42 12.10
N ILE A 158 -20.79 -7.27 11.12
CA ILE A 158 -19.41 -7.73 10.92
C ILE A 158 -18.45 -6.61 10.50
N ILE A 159 -18.90 -5.65 9.70
CA ILE A 159 -18.03 -4.54 9.31
C ILE A 159 -17.71 -3.67 10.53
N GLU A 160 -18.69 -3.44 11.41
CA GLU A 160 -18.44 -2.64 12.61
C GLU A 160 -17.32 -3.33 13.40
N GLU A 161 -17.33 -4.66 13.41
CA GLU A 161 -16.34 -5.46 14.13
C GLU A 161 -14.95 -5.46 13.48
N GLN A 162 -14.92 -5.63 12.16
CA GLN A 162 -13.66 -5.65 11.42
C GLN A 162 -13.75 -4.75 10.20
N PRO A 163 -13.65 -3.44 10.42
CA PRO A 163 -13.73 -2.50 9.29
C PRO A 163 -12.57 -2.50 8.29
N LYS A 164 -11.40 -2.98 8.71
CA LYS A 164 -10.21 -2.99 7.84
C LYS A 164 -10.04 -4.33 7.14
N ASN A 165 -11.09 -4.78 6.47
CA ASN A 165 -11.09 -6.05 5.79
C ASN A 165 -11.66 -5.83 4.39
N TYR A 166 -10.98 -6.38 3.38
CA TYR A 166 -11.43 -6.22 2.01
C TYR A 166 -12.72 -6.96 1.74
N GLN A 167 -12.79 -8.22 2.15
CA GLN A 167 -13.97 -9.04 1.90
C GLN A 167 -15.30 -8.53 2.42
N VAL A 168 -15.32 -8.02 3.64
CA VAL A 168 -16.56 -7.54 4.22
C VAL A 168 -17.19 -6.40 3.43
N TRP A 169 -16.38 -5.47 2.95
CA TRP A 169 -16.91 -4.35 2.18
C TRP A 169 -17.38 -4.78 0.80
N HIS A 170 -16.66 -5.70 0.17
CA HIS A 170 -17.06 -6.15 -1.14
C HIS A 170 -18.38 -6.90 -1.03
N HIS A 171 -18.55 -7.64 0.05
CA HIS A 171 -19.79 -8.39 0.26
C HIS A 171 -20.96 -7.39 0.37
N ARG A 172 -20.75 -6.30 1.10
CA ARG A 172 -21.80 -5.31 1.25
C ARG A 172 -22.17 -4.72 -0.10
N ARG A 173 -21.15 -4.48 -0.93
CA ARG A 173 -21.31 -3.92 -2.26
C ARG A 173 -22.18 -4.83 -3.12
N VAL A 174 -21.87 -6.12 -3.09
CA VAL A 174 -22.65 -7.06 -3.85
C VAL A 174 -24.13 -7.06 -3.41
N LEU A 175 -24.36 -6.96 -2.10
CA LEU A 175 -25.74 -6.95 -1.60
C LEU A 175 -26.47 -5.70 -2.09
N VAL A 176 -25.80 -4.55 -2.03
CA VAL A 176 -26.41 -3.30 -2.48
C VAL A 176 -26.68 -3.39 -3.98
N GLU A 177 -25.74 -3.95 -4.70
CA GLU A 177 -25.89 -4.11 -6.15
C GLU A 177 -27.08 -5.01 -6.44
N TRP A 178 -27.19 -6.12 -5.71
CA TRP A 178 -28.30 -7.05 -5.89
C TRP A 178 -29.67 -6.42 -5.61
N LEU A 179 -29.76 -5.73 -4.47
CA LEU A 179 -30.99 -5.09 -4.02
C LEU A 179 -31.26 -3.75 -4.70
N LYS A 180 -30.27 -3.23 -5.41
CA LYS A 180 -30.40 -1.93 -6.07
C LYS A 180 -30.93 -0.96 -5.03
N ASP A 181 -30.38 -1.02 -3.82
CA ASP A 181 -30.84 -0.16 -2.74
C ASP A 181 -29.73 0.48 -1.89
N PRO A 182 -29.45 1.77 -2.11
CA PRO A 182 -28.41 2.49 -1.36
C PRO A 182 -28.95 3.30 -0.20
N SER A 183 -30.22 3.10 0.13
CA SER A 183 -30.87 3.87 1.19
C SER A 183 -30.19 3.88 2.56
N GLN A 184 -29.49 2.81 2.91
CA GLN A 184 -28.82 2.76 4.21
C GLN A 184 -27.33 3.13 4.16
N GLU A 185 -26.74 3.13 2.96
CA GLU A 185 -25.30 3.36 2.82
C GLU A 185 -24.65 4.59 3.43
N LEU A 186 -25.09 5.78 3.04
CA LEU A 186 -24.49 7.00 3.56
C LEU A 186 -24.48 7.04 5.08
N GLU A 187 -25.58 6.63 5.71
CA GLU A 187 -25.66 6.64 7.15
C GLU A 187 -24.76 5.58 7.78
N PHE A 188 -24.74 4.38 7.19
CA PHE A 188 -23.89 3.32 7.71
C PHE A 188 -22.42 3.69 7.61
N ILE A 189 -22.01 4.18 6.44
CA ILE A 189 -20.63 4.57 6.25
C ILE A 189 -20.28 5.67 7.24
N ALA A 190 -21.22 6.60 7.47
CA ALA A 190 -20.97 7.68 8.40
C ALA A 190 -20.67 7.16 9.80
N ASP A 191 -21.36 6.10 10.23
CA ASP A 191 -21.08 5.58 11.56
C ASP A 191 -19.69 4.96 11.64
N ILE A 192 -19.26 4.30 10.57
CA ILE A 192 -17.93 3.69 10.56
C ILE A 192 -16.90 4.82 10.60
N LEU A 193 -17.11 5.84 9.77
CA LEU A 193 -16.21 6.98 9.72
C LEU A 193 -16.17 7.77 11.02
N ASN A 194 -17.20 7.62 11.84
CA ASN A 194 -17.24 8.32 13.12
C ASN A 194 -16.33 7.59 14.12
N GLN A 195 -15.93 6.38 13.78
CA GLN A 195 -15.04 5.57 14.63
C GLN A 195 -13.60 5.64 14.09
N ASP A 196 -13.47 5.73 12.77
CA ASP A 196 -12.18 5.86 12.10
C ASP A 196 -12.49 6.74 10.89
N ALA A 197 -12.22 8.03 11.05
CA ALA A 197 -12.48 9.01 10.01
C ALA A 197 -11.65 8.80 8.75
N LYS A 198 -10.68 7.91 8.80
CA LYS A 198 -9.82 7.68 7.66
C LYS A 198 -9.83 6.28 7.05
N ASN A 199 -10.82 5.47 7.41
CA ASN A 199 -10.88 4.10 6.89
C ASN A 199 -11.00 4.10 5.37
N TYR A 200 -9.93 3.65 4.72
CA TYR A 200 -9.84 3.63 3.27
C TYR A 200 -11.01 2.92 2.57
N HIS A 201 -11.38 1.74 3.06
CA HIS A 201 -12.49 0.97 2.47
C HIS A 201 -13.78 1.76 2.60
N ALA A 202 -13.98 2.38 3.76
CA ALA A 202 -15.20 3.16 4.01
C ALA A 202 -15.32 4.31 3.01
N TRP A 203 -14.23 5.07 2.83
CA TRP A 203 -14.29 6.17 1.88
C TRP A 203 -14.47 5.63 0.45
N GLN A 204 -13.82 4.51 0.15
CA GLN A 204 -13.94 3.92 -1.18
C GLN A 204 -15.37 3.48 -1.45
N HIS A 205 -15.99 2.88 -0.45
CA HIS A 205 -17.37 2.42 -0.58
C HIS A 205 -18.31 3.61 -0.73
N ARG A 206 -18.04 4.68 0.02
CA ARG A 206 -18.87 5.89 -0.04
C ARG A 206 -18.81 6.50 -1.45
N GLN A 207 -17.61 6.55 -2.03
CA GLN A 207 -17.47 7.10 -3.37
C GLN A 207 -18.24 6.25 -4.36
N TRP A 208 -18.12 4.93 -4.23
CA TRP A 208 -18.83 4.06 -5.14
C TRP A 208 -20.35 4.26 -5.07
N VAL A 209 -20.90 4.31 -3.86
CA VAL A 209 -22.34 4.49 -3.69
C VAL A 209 -22.82 5.81 -4.28
N ILE A 210 -22.14 6.89 -3.93
CA ILE A 210 -22.50 8.21 -4.44
C ILE A 210 -22.46 8.29 -5.96
N GLN A 211 -21.45 7.68 -6.56
CA GLN A 211 -21.31 7.71 -8.02
C GLN A 211 -22.36 6.86 -8.74
N GLU A 212 -22.52 5.61 -8.30
CA GLU A 212 -23.49 4.70 -8.92
C GLU A 212 -24.93 5.16 -8.80
N PHE A 213 -25.31 5.61 -7.61
CA PHE A 213 -26.68 6.03 -7.37
C PHE A 213 -26.90 7.52 -7.40
N ARG A 214 -25.88 8.27 -7.84
CA ARG A 214 -26.00 9.72 -7.93
C ARG A 214 -26.55 10.37 -6.66
N LEU A 215 -25.84 10.21 -5.54
CA LEU A 215 -26.23 10.80 -4.26
C LEU A 215 -25.26 11.91 -3.91
N TRP A 216 -25.11 12.89 -4.81
CA TRP A 216 -24.18 13.98 -4.60
C TRP A 216 -24.64 15.15 -3.73
N ASP A 217 -25.93 15.47 -3.82
CA ASP A 217 -26.52 16.61 -3.12
C ASP A 217 -26.05 17.00 -1.72
N ASN A 218 -25.82 16.03 -0.83
CA ASN A 218 -25.42 16.38 0.52
C ASN A 218 -23.97 16.07 0.93
N GLU A 219 -23.16 15.56 0.00
CA GLU A 219 -21.78 15.20 0.35
C GLU A 219 -20.82 16.34 0.71
N LEU A 220 -20.93 17.47 0.03
CA LEU A 220 -20.04 18.59 0.33
C LEU A 220 -20.32 19.10 1.74
N GLN A 221 -21.58 19.02 2.15
CA GLN A 221 -21.96 19.46 3.49
C GLN A 221 -21.29 18.50 4.48
N TYR A 222 -21.30 17.22 4.15
CA TYR A 222 -20.68 16.19 4.98
C TYR A 222 -19.18 16.48 5.06
N VAL A 223 -18.59 16.82 3.92
CA VAL A 223 -17.18 17.14 3.87
C VAL A 223 -16.85 18.32 4.79
N ASP A 224 -17.69 19.35 4.78
CA ASP A 224 -17.46 20.51 5.64
C ASP A 224 -17.58 20.13 7.10
N GLN A 225 -18.52 19.25 7.40
CA GLN A 225 -18.72 18.78 8.77
C GLN A 225 -17.45 18.13 9.29
N LEU A 226 -16.94 17.15 8.54
CA LEU A 226 -15.73 16.44 8.96
C LEU A 226 -14.48 17.33 8.93
N LEU A 227 -14.45 18.30 8.03
CA LEU A 227 -13.30 19.20 7.96
C LEU A 227 -13.25 20.06 9.23
N LYS A 228 -14.43 20.41 9.75
CA LYS A 228 -14.52 21.21 10.96
C LYS A 228 -14.04 20.36 12.14
N GLU A 229 -14.31 19.07 12.09
CA GLU A 229 -13.89 18.16 13.16
C GLU A 229 -12.37 17.94 13.13
N ASP A 230 -11.79 17.91 11.93
CA ASP A 230 -10.34 17.70 11.80
C ASP A 230 -9.93 18.17 10.42
N VAL A 231 -9.49 19.41 10.34
CA VAL A 231 -9.09 20.01 9.07
C VAL A 231 -7.85 19.36 8.47
N ARG A 232 -7.24 18.44 9.22
CA ARG A 232 -6.05 17.74 8.73
C ARG A 232 -6.40 16.38 8.10
N ASN A 233 -7.69 16.04 8.05
CA ASN A 233 -8.09 14.75 7.49
C ASN A 233 -7.93 14.72 5.97
N ASN A 234 -6.84 14.13 5.50
CA ASN A 234 -6.57 14.07 4.07
C ASN A 234 -7.67 13.34 3.29
N SER A 235 -8.35 12.39 3.94
CA SER A 235 -9.40 11.66 3.27
C SER A 235 -10.56 12.62 2.96
N VAL A 236 -10.82 13.55 3.87
CA VAL A 236 -11.90 14.49 3.66
C VAL A 236 -11.56 15.49 2.55
N TRP A 237 -10.30 15.89 2.46
CA TRP A 237 -9.91 16.81 1.40
C TRP A 237 -10.02 16.09 0.07
N ASN A 238 -9.73 14.79 0.06
CA ASN A 238 -9.83 14.02 -1.16
C ASN A 238 -11.31 13.93 -1.53
N GLN A 239 -12.15 13.71 -0.53
CA GLN A 239 -13.59 13.61 -0.78
C GLN A 239 -14.11 14.93 -1.31
N ARG A 240 -13.51 16.03 -0.85
CA ARG A 240 -13.91 17.37 -1.29
C ARG A 240 -13.66 17.51 -2.79
N HIS A 241 -12.47 17.13 -3.22
CA HIS A 241 -12.11 17.20 -4.62
C HIS A 241 -12.99 16.24 -5.42
N PHE A 242 -13.36 15.12 -4.81
CA PHE A 242 -14.18 14.12 -5.48
C PHE A 242 -15.55 14.70 -5.79
N VAL A 243 -16.18 15.29 -4.78
CA VAL A 243 -17.50 15.88 -4.92
C VAL A 243 -17.54 17.03 -5.93
N ILE A 244 -16.64 17.98 -5.75
CA ILE A 244 -16.59 19.13 -6.62
C ILE A 244 -16.28 18.80 -8.08
N SER A 245 -15.27 17.95 -8.34
CA SER A 245 -14.95 17.64 -9.73
C SER A 245 -16.01 16.83 -10.46
N ASN A 246 -16.92 16.19 -9.73
CA ASN A 246 -17.99 15.40 -10.35
C ASN A 246 -19.36 16.11 -10.34
N THR A 247 -19.39 17.32 -9.81
CA THR A 247 -20.62 18.11 -9.75
C THR A 247 -20.46 19.36 -10.62
N THR A 248 -19.94 20.42 -10.03
CA THR A 248 -19.74 21.69 -10.74
C THR A 248 -18.43 21.72 -11.52
N GLY A 249 -17.40 21.08 -10.99
CA GLY A 249 -16.12 21.09 -11.66
C GLY A 249 -15.33 22.25 -11.10
N TYR A 250 -14.09 22.40 -11.54
CA TYR A 250 -13.26 23.50 -11.06
C TYR A 250 -13.06 24.59 -12.11
N SER A 251 -13.81 24.52 -13.20
CA SER A 251 -13.70 25.53 -14.26
C SER A 251 -14.55 26.75 -13.98
N ASP A 252 -15.64 26.56 -13.24
CA ASP A 252 -16.49 27.69 -12.89
C ASP A 252 -15.63 28.59 -12.00
N ARG A 253 -15.29 29.77 -12.50
CA ARG A 253 -14.45 30.70 -11.74
C ARG A 253 -14.98 31.01 -10.34
N ALA A 254 -16.30 31.04 -10.19
CA ALA A 254 -16.90 31.31 -8.89
C ALA A 254 -16.54 30.18 -7.92
N VAL A 255 -16.51 28.95 -8.44
CA VAL A 255 -16.18 27.80 -7.60
C VAL A 255 -14.69 27.73 -7.29
N LEU A 256 -13.84 27.92 -8.30
CA LEU A 256 -12.39 27.88 -8.08
C LEU A 256 -11.95 28.95 -7.08
N GLU A 257 -12.51 30.15 -7.18
CA GLU A 257 -12.13 31.23 -6.28
C GLU A 257 -12.59 30.91 -4.86
N ARG A 258 -13.82 30.43 -4.74
CA ARG A 258 -14.40 30.05 -3.45
C ARG A 258 -13.48 29.05 -2.76
N GLU A 259 -13.05 28.04 -3.51
CA GLU A 259 -12.18 26.99 -3.01
C GLU A 259 -10.81 27.49 -2.60
N VAL A 260 -10.19 28.31 -3.44
CA VAL A 260 -8.87 28.83 -3.12
C VAL A 260 -8.93 29.73 -1.87
N GLN A 261 -9.99 30.51 -1.73
CA GLN A 261 -10.10 31.39 -0.57
C GLN A 261 -10.29 30.55 0.70
N TYR A 262 -11.13 29.52 0.61
CA TYR A 262 -11.37 28.64 1.76
C TYR A 262 -10.05 27.97 2.18
N THR A 263 -9.31 27.47 1.20
CA THR A 263 -8.05 26.80 1.46
C THR A 263 -7.04 27.77 2.06
N LEU A 264 -6.86 28.93 1.43
CA LEU A 264 -5.92 29.91 1.95
C LEU A 264 -6.28 30.25 3.39
N GLU A 265 -7.58 30.38 3.64
CA GLU A 265 -8.06 30.69 4.98
C GLU A 265 -7.72 29.57 5.96
N MET A 266 -7.86 28.32 5.52
CA MET A 266 -7.53 27.19 6.38
C MET A 266 -6.02 27.18 6.64
N ILE A 267 -5.26 27.59 5.64
CA ILE A 267 -3.81 27.64 5.75
C ILE A 267 -3.42 28.70 6.80
N LYS A 268 -4.16 29.80 6.82
CA LYS A 268 -3.90 30.88 7.77
C LYS A 268 -4.18 30.38 9.18
N LEU A 269 -5.20 29.55 9.32
CA LEU A 269 -5.58 28.99 10.62
C LEU A 269 -4.59 27.92 11.11
N VAL A 270 -4.10 27.10 10.18
CA VAL A 270 -3.14 26.05 10.53
C VAL A 270 -2.07 25.99 9.46
N PRO A 271 -1.13 26.94 9.50
CA PRO A 271 -0.02 27.05 8.54
C PRO A 271 0.72 25.75 8.22
N HIS A 272 0.80 24.86 9.19
CA HIS A 272 1.53 23.61 8.97
C HIS A 272 0.72 22.37 8.60
N ASN A 273 -0.53 22.58 8.18
CA ASN A 273 -1.39 21.49 7.75
C ASN A 273 -1.12 21.24 6.27
N GLU A 274 -0.36 20.20 5.97
CA GLU A 274 0.00 19.87 4.60
C GLU A 274 -1.18 19.59 3.68
N SER A 275 -2.29 19.12 4.23
CA SER A 275 -3.44 18.84 3.39
C SER A 275 -3.99 20.05 2.64
N ALA A 276 -4.18 21.16 3.34
CA ALA A 276 -4.67 22.38 2.70
C ALA A 276 -3.71 22.81 1.60
N TRP A 277 -2.41 22.75 1.91
CA TRP A 277 -1.41 23.14 0.94
C TRP A 277 -1.46 22.25 -0.31
N ASN A 278 -1.55 20.95 -0.11
CA ASN A 278 -1.62 20.01 -1.24
C ASN A 278 -2.90 20.20 -2.05
N TYR A 279 -4.01 20.53 -1.38
CA TYR A 279 -5.27 20.75 -2.08
C TYR A 279 -5.17 22.01 -2.94
N LEU A 280 -4.65 23.09 -2.37
CA LEU A 280 -4.49 24.34 -3.09
C LEU A 280 -3.62 24.12 -4.32
N LYS A 281 -2.51 23.41 -4.13
CA LYS A 281 -1.63 23.12 -5.25
C LYS A 281 -2.35 22.26 -6.29
N GLY A 282 -3.09 21.26 -5.81
CA GLY A 282 -3.81 20.36 -6.71
C GLY A 282 -4.87 20.97 -7.59
N ILE A 283 -5.58 21.98 -7.10
CA ILE A 283 -6.63 22.60 -7.91
C ILE A 283 -6.11 23.71 -8.82
N LEU A 284 -4.86 24.12 -8.64
CA LEU A 284 -4.28 25.19 -9.45
C LEU A 284 -3.20 24.75 -10.43
N GLN A 285 -2.46 23.69 -10.12
CA GLN A 285 -1.42 23.23 -11.03
C GLN A 285 -2.01 22.74 -12.35
N ASP A 286 -3.33 22.57 -12.37
CA ASP A 286 -4.04 22.13 -13.55
C ASP A 286 -3.68 23.02 -14.73
N ARG A 287 -4.17 24.26 -14.69
CA ARG A 287 -3.91 25.23 -15.74
C ARG A 287 -2.58 25.95 -15.56
N GLY A 288 -1.86 25.60 -14.51
CA GLY A 288 -0.57 26.23 -14.25
C GLY A 288 -0.67 27.36 -13.24
N LEU A 289 0.24 27.35 -12.28
CA LEU A 289 0.27 28.36 -11.24
C LEU A 289 0.52 29.79 -11.75
N SER A 290 1.32 29.94 -12.79
CA SER A 290 1.62 31.25 -13.34
C SER A 290 0.41 31.92 -13.97
N ARG A 291 -0.69 31.18 -14.12
CA ARG A 291 -1.91 31.73 -14.69
C ARG A 291 -2.57 32.66 -13.67
N TYR A 292 -2.13 32.56 -12.42
CA TYR A 292 -2.67 33.37 -11.33
C TYR A 292 -1.59 34.24 -10.69
N PRO A 293 -1.37 35.44 -11.24
CA PRO A 293 -0.36 36.36 -10.73
C PRO A 293 -0.48 36.80 -9.26
N ASN A 294 -1.69 37.10 -8.82
CA ASN A 294 -1.90 37.54 -7.43
C ASN A 294 -1.46 36.52 -6.39
N LEU A 295 -1.43 35.25 -6.77
CA LEU A 295 -1.06 34.18 -5.88
C LEU A 295 0.33 34.39 -5.25
N LEU A 296 1.35 34.54 -6.09
CA LEU A 296 2.72 34.73 -5.63
C LEU A 296 2.87 35.74 -4.49
N ASN A 297 2.50 36.99 -4.74
CA ASN A 297 2.62 38.01 -3.71
C ASN A 297 1.77 37.71 -2.47
N GLN A 298 0.57 37.15 -2.68
CA GLN A 298 -0.28 36.86 -1.54
C GLN A 298 0.33 35.81 -0.60
N LEU A 299 1.13 34.92 -1.16
CA LEU A 299 1.78 33.89 -0.35
C LEU A 299 2.98 34.51 0.34
N LEU A 300 3.67 35.40 -0.38
CA LEU A 300 4.84 36.08 0.17
C LEU A 300 4.40 37.01 1.29
N ASP A 301 3.12 37.40 1.27
CA ASP A 301 2.60 38.28 2.30
C ASP A 301 2.48 37.61 3.66
N LEU A 302 1.98 36.39 3.70
CA LEU A 302 1.83 35.69 4.96
C LEU A 302 3.09 34.93 5.36
N GLN A 303 4.17 35.13 4.61
CA GLN A 303 5.44 34.46 4.88
C GLN A 303 6.15 34.87 6.17
N PRO A 304 6.05 36.15 6.56
CA PRO A 304 6.75 36.53 7.79
C PRO A 304 6.20 35.83 9.04
N SER A 305 4.88 35.62 9.08
CA SER A 305 4.26 34.97 10.23
C SER A 305 3.84 33.51 9.98
N HIS A 306 3.03 33.29 8.95
CA HIS A 306 2.56 31.94 8.62
C HIS A 306 3.53 31.13 7.77
N SER A 307 4.83 31.28 8.01
CA SER A 307 5.80 30.55 7.21
C SER A 307 5.83 29.06 7.57
N SER A 308 6.30 28.25 6.63
CA SER A 308 6.40 26.81 6.79
C SER A 308 7.17 26.28 5.59
N PRO A 309 7.80 25.10 5.72
CA PRO A 309 8.53 24.61 4.55
C PRO A 309 7.59 24.36 3.37
N TYR A 310 6.29 24.37 3.65
CA TYR A 310 5.28 24.16 2.62
C TYR A 310 5.09 25.43 1.79
N LEU A 311 5.17 26.58 2.44
CA LEU A 311 5.02 27.86 1.75
C LEU A 311 6.21 28.07 0.82
N ILE A 312 7.40 27.76 1.31
CA ILE A 312 8.63 27.90 0.53
C ILE A 312 8.53 27.01 -0.70
N ALA A 313 8.10 25.78 -0.49
CA ALA A 313 7.96 24.83 -1.58
C ALA A 313 6.94 25.26 -2.62
N PHE A 314 5.84 25.86 -2.18
CA PHE A 314 4.80 26.32 -3.10
C PHE A 314 5.40 27.44 -3.96
N LEU A 315 6.07 28.38 -3.32
CA LEU A 315 6.68 29.49 -4.04
C LEU A 315 7.57 28.94 -5.14
N VAL A 316 8.35 27.92 -4.82
CA VAL A 316 9.23 27.30 -5.81
C VAL A 316 8.41 26.69 -6.93
N ASP A 317 7.25 26.15 -6.60
CA ASP A 317 6.37 25.55 -7.60
C ASP A 317 5.85 26.62 -8.56
N ILE A 318 5.73 27.85 -8.08
CA ILE A 318 5.26 28.96 -8.91
C ILE A 318 6.38 29.47 -9.80
N TYR A 319 7.59 29.56 -9.25
CA TYR A 319 8.75 30.03 -9.99
C TYR A 319 9.05 29.14 -11.20
N GLU A 320 8.89 27.83 -11.03
CA GLU A 320 9.17 26.91 -12.15
C GLU A 320 8.11 26.93 -13.23
N ASP A 321 6.87 27.25 -12.87
CA ASP A 321 5.81 27.31 -13.86
C ASP A 321 6.03 28.61 -14.63
N MET A 322 6.42 29.67 -13.91
CA MET A 322 6.67 30.96 -14.53
C MET A 322 7.85 30.81 -15.49
N LEU A 323 8.92 30.21 -15.00
CA LEU A 323 10.11 29.99 -15.82
C LEU A 323 9.82 29.07 -16.99
N GLU A 324 8.59 28.57 -17.05
CA GLU A 324 8.19 27.64 -18.12
C GLU A 324 7.18 28.31 -19.05
N ASN A 325 6.63 29.44 -18.61
CA ASN A 325 5.66 30.16 -19.41
C ASN A 325 6.13 31.57 -19.76
N GLN A 326 7.43 31.68 -20.07
CA GLN A 326 8.02 32.95 -20.46
C GLN A 326 7.67 34.08 -19.48
N CYS A 327 8.42 34.16 -18.39
CA CYS A 327 8.19 35.19 -17.39
C CYS A 327 9.27 36.27 -17.53
N ASP A 328 9.01 37.44 -16.95
CA ASP A 328 9.97 38.53 -17.02
C ASP A 328 11.16 38.26 -16.10
N ASN A 329 12.34 38.69 -16.54
CA ASN A 329 13.56 38.48 -15.75
C ASN A 329 13.75 36.99 -15.49
N LYS A 330 13.81 36.21 -16.57
CA LYS A 330 13.97 34.77 -16.44
C LYS A 330 15.36 34.35 -15.97
N GLU A 331 16.04 35.26 -15.27
CA GLU A 331 17.37 35.00 -14.74
C GLU A 331 17.34 35.47 -13.31
N ASP A 332 16.32 36.29 -13.02
CA ASP A 332 16.11 36.85 -11.69
C ASP A 332 15.20 35.91 -10.90
N ILE A 333 14.22 35.33 -11.60
CA ILE A 333 13.28 34.42 -10.96
C ILE A 333 13.95 33.07 -10.74
N LEU A 334 14.82 32.68 -11.67
CA LEU A 334 15.52 31.43 -11.57
C LEU A 334 16.40 31.38 -10.30
N ASN A 335 17.11 32.46 -10.02
CA ASN A 335 17.97 32.51 -8.84
C ASN A 335 17.17 32.57 -7.55
N LYS A 336 15.96 33.11 -7.62
CA LYS A 336 15.12 33.19 -6.43
C LYS A 336 14.80 31.75 -6.04
N ALA A 337 14.45 30.95 -7.05
CA ALA A 337 14.09 29.54 -6.87
C ALA A 337 15.24 28.68 -6.38
N LEU A 338 16.41 28.88 -6.96
CA LEU A 338 17.59 28.11 -6.57
C LEU A 338 18.01 28.41 -5.15
N GLU A 339 17.74 29.64 -4.70
CA GLU A 339 18.10 30.02 -3.34
C GLU A 339 17.12 29.32 -2.40
N LEU A 340 15.88 29.22 -2.83
CA LEU A 340 14.86 28.54 -2.04
C LEU A 340 15.12 27.05 -2.01
N CYS A 341 15.56 26.48 -3.12
CA CYS A 341 15.86 25.05 -3.17
C CYS A 341 17.02 24.79 -2.22
N GLU A 342 17.87 25.80 -2.10
CA GLU A 342 19.05 25.74 -1.24
C GLU A 342 18.64 25.75 0.23
N ILE A 343 17.84 26.74 0.62
CA ILE A 343 17.36 26.86 2.00
C ILE A 343 16.59 25.60 2.41
N LEU A 344 15.80 25.06 1.47
CA LEU A 344 15.02 23.87 1.73
C LEU A 344 15.93 22.65 1.98
N ALA A 345 16.84 22.41 1.05
CA ALA A 345 17.74 21.27 1.14
C ALA A 345 18.78 21.38 2.27
N LYS A 346 19.06 22.61 2.69
CA LYS A 346 20.07 22.81 3.72
C LYS A 346 19.56 23.13 5.12
N GLU A 347 18.44 23.84 5.21
CA GLU A 347 17.91 24.20 6.52
C GLU A 347 16.45 23.80 6.81
N LYS A 348 15.52 24.44 6.11
CA LYS A 348 14.08 24.22 6.31
C LYS A 348 13.42 22.87 6.00
N ASP A 349 14.04 22.05 5.15
CA ASP A 349 13.43 20.77 4.80
C ASP A 349 14.48 19.76 4.31
N THR A 350 15.48 19.50 5.15
CA THR A 350 16.59 18.62 4.84
C THR A 350 16.26 17.14 4.60
N ILE A 351 15.13 16.68 5.12
CA ILE A 351 14.76 15.28 4.93
C ILE A 351 14.62 15.00 3.44
N ARG A 352 14.30 16.04 2.68
CA ARG A 352 14.13 15.96 1.23
C ARG A 352 15.27 16.66 0.47
N LYS A 353 16.46 16.68 1.08
CA LYS A 353 17.62 17.34 0.47
C LYS A 353 17.90 16.80 -0.92
N GLU A 354 17.86 15.48 -1.08
CA GLU A 354 18.09 14.88 -2.40
C GLU A 354 17.06 15.30 -3.44
N TYR A 355 15.83 15.55 -3.02
CA TYR A 355 14.80 15.98 -3.95
C TYR A 355 15.02 17.43 -4.36
N TRP A 356 15.21 18.29 -3.36
CA TRP A 356 15.43 19.71 -3.61
C TRP A 356 16.69 19.99 -4.40
N ARG A 357 17.75 19.21 -4.18
CA ARG A 357 18.99 19.40 -4.95
C ARG A 357 18.72 19.02 -6.41
N TYR A 358 17.81 18.07 -6.62
CA TYR A 358 17.45 17.63 -7.96
C TYR A 358 16.70 18.74 -8.68
N ILE A 359 15.78 19.38 -7.95
CA ILE A 359 15.00 20.48 -8.51
C ILE A 359 15.92 21.62 -8.96
N GLY A 360 16.88 21.97 -8.12
CA GLY A 360 17.80 23.04 -8.46
C GLY A 360 18.54 22.70 -9.74
N ARG A 361 19.13 21.51 -9.78
CA ARG A 361 19.86 21.06 -10.95
C ARG A 361 19.01 21.01 -12.22
N SER A 362 17.72 20.73 -12.07
CA SER A 362 16.84 20.65 -13.24
C SER A 362 16.41 22.05 -13.71
N LEU A 363 16.31 22.99 -12.77
CA LEU A 363 15.92 24.36 -13.09
C LEU A 363 17.05 25.08 -13.83
N GLN A 364 18.29 24.74 -13.52
CA GLN A 364 19.43 25.34 -14.19
C GLN A 364 19.60 24.66 -15.54
N SER A 365 19.35 23.35 -15.55
CA SER A 365 19.48 22.55 -16.75
C SER A 365 18.62 23.01 -17.90
N LYS A 366 17.75 23.99 -17.67
CA LYS A 366 16.88 24.47 -18.72
C LYS A 366 16.42 25.93 -18.64
N HIS A 367 16.95 26.66 -17.66
CA HIS A 367 16.57 28.06 -17.49
C HIS A 367 17.77 28.96 -17.24
N SER A 368 18.97 28.37 -17.26
CA SER A 368 20.20 29.12 -17.02
C SER A 368 20.34 30.34 -17.93
N GLU B 24 27.16 14.81 15.04
CA GLU B 24 27.49 13.37 15.27
C GLU B 24 27.09 12.52 14.06
N PRO B 25 27.57 11.26 14.00
CA PRO B 25 27.25 10.37 12.86
C PRO B 25 25.78 10.08 12.57
N LEU B 26 24.93 10.00 13.60
CA LEU B 26 23.51 9.71 13.38
C LEU B 26 22.66 10.97 13.19
N TYR B 27 22.03 11.05 12.03
CA TYR B 27 21.18 12.16 11.60
C TYR B 27 20.05 12.51 12.57
N SER B 28 19.26 11.51 12.95
CA SER B 28 18.13 11.76 13.84
C SER B 28 18.47 11.96 15.33
N LEU B 29 19.77 11.92 15.67
CA LEU B 29 20.17 12.13 17.06
C LEU B 29 20.82 13.51 17.23
N ARG B 30 21.17 14.14 16.11
CA ARG B 30 21.79 15.47 16.14
C ARG B 30 20.83 16.47 16.76
N PRO B 31 21.36 17.46 17.51
CA PRO B 31 20.50 18.47 18.14
C PRO B 31 19.57 19.23 17.20
N GLU B 32 20.01 19.53 15.99
CA GLU B 32 19.17 20.27 15.04
C GLU B 32 17.88 19.52 14.74
N HIS B 33 17.96 18.20 14.77
CA HIS B 33 16.81 17.34 14.49
C HIS B 33 15.60 17.65 15.36
N ALA B 34 15.84 18.10 16.58
CA ALA B 34 14.76 18.41 17.51
C ALA B 34 13.81 19.44 16.91
N ARG B 35 14.31 20.24 15.97
CA ARG B 35 13.50 21.26 15.31
C ARG B 35 12.49 20.63 14.37
N GLU B 36 12.68 19.36 14.03
CA GLU B 36 11.78 18.67 13.14
C GLU B 36 10.49 18.15 13.81
N ARG B 37 10.34 18.35 15.11
CA ARG B 37 9.14 17.90 15.81
C ARG B 37 7.92 18.64 15.23
N LEU B 38 6.75 18.03 15.36
CA LEU B 38 5.52 18.61 14.84
C LEU B 38 5.11 19.96 15.44
N GLN B 39 4.68 20.87 14.58
CA GLN B 39 4.20 22.17 15.01
C GLN B 39 2.71 22.14 14.70
N ASP B 40 1.89 22.01 15.73
CA ASP B 40 0.44 21.95 15.52
C ASP B 40 -0.25 23.31 15.42
N ASP B 41 0.52 24.39 15.39
CA ASP B 41 -0.05 25.73 15.29
C ASP B 41 -1.06 26.02 16.39
N SER B 42 -0.96 25.30 17.49
CA SER B 42 -1.85 25.50 18.63
C SER B 42 -3.31 25.16 18.27
N VAL B 43 -3.48 24.36 17.23
CA VAL B 43 -4.80 23.91 16.80
C VAL B 43 -4.75 22.38 16.81
N GLU B 44 -5.29 21.79 17.88
CA GLU B 44 -5.29 20.34 18.03
C GLU B 44 -6.48 19.64 17.41
N THR B 45 -6.19 18.49 16.79
CA THR B 45 -7.19 17.64 16.17
C THR B 45 -6.70 16.22 16.36
N VAL B 46 -7.54 15.25 16.04
CA VAL B 46 -7.14 13.86 16.18
C VAL B 46 -5.83 13.58 15.48
N THR B 47 -5.65 14.16 14.30
CA THR B 47 -4.45 13.96 13.52
C THR B 47 -3.18 14.44 14.23
N SER B 48 -3.16 15.69 14.66
CA SER B 48 -1.96 16.21 15.33
C SER B 48 -1.66 15.47 16.63
N ILE B 49 -2.68 15.27 17.46
CA ILE B 49 -2.51 14.57 18.72
C ILE B 49 -1.87 13.20 18.51
N GLU B 50 -2.38 12.47 17.53
CA GLU B 50 -1.88 11.13 17.24
C GLU B 50 -0.47 11.14 16.63
N GLN B 51 -0.16 12.17 15.86
CA GLN B 51 1.16 12.28 15.25
C GLN B 51 2.17 12.68 16.34
N ALA B 52 1.68 13.43 17.34
CA ALA B 52 2.53 13.87 18.44
C ALA B 52 2.85 12.71 19.37
N LYS B 53 1.88 11.82 19.57
CA LYS B 53 2.11 10.66 20.43
C LYS B 53 3.23 9.77 19.88
N VAL B 54 3.21 9.54 18.57
CA VAL B 54 4.22 8.70 17.95
C VAL B 54 5.57 9.37 17.96
N GLU B 55 5.59 10.69 17.77
CA GLU B 55 6.86 11.42 17.76
C GLU B 55 7.51 11.38 19.14
N GLU B 56 6.69 11.47 20.18
CA GLU B 56 7.23 11.45 21.54
C GLU B 56 7.79 10.06 21.80
N LYS B 57 7.14 9.05 21.24
CA LYS B 57 7.55 7.68 21.40
C LYS B 57 8.83 7.39 20.61
N ILE B 58 8.97 7.99 19.44
CA ILE B 58 10.15 7.79 18.63
C ILE B 58 11.33 8.55 19.24
N GLN B 59 11.06 9.74 19.78
CA GLN B 59 12.12 10.54 20.39
C GLN B 59 12.77 9.76 21.54
N GLU B 60 11.94 9.06 22.32
CA GLU B 60 12.43 8.26 23.43
C GLU B 60 13.47 7.24 22.96
N VAL B 61 13.19 6.60 21.83
CA VAL B 61 14.10 5.62 21.26
C VAL B 61 15.40 6.31 20.86
N PHE B 62 15.27 7.45 20.19
CA PHE B 62 16.42 8.22 19.76
C PHE B 62 17.26 8.65 20.96
N SER B 63 16.61 9.15 22.00
CA SER B 63 17.29 9.63 23.22
C SER B 63 17.73 8.55 24.20
N SER B 64 17.30 7.32 23.97
CA SER B 64 17.63 6.21 24.86
C SER B 64 19.12 6.05 25.11
N TYR B 65 19.92 6.34 24.08
CA TYR B 65 21.37 6.19 24.21
C TYR B 65 21.97 7.24 25.14
N LYS B 66 21.54 8.49 25.00
CA LYS B 66 22.03 9.56 25.85
C LYS B 66 21.53 9.31 27.28
N PHE B 67 20.27 8.92 27.41
CA PHE B 67 19.64 8.66 28.70
C PHE B 67 20.39 7.59 29.49
N ASN B 68 20.75 6.50 28.84
CA ASN B 68 21.47 5.40 29.48
C ASN B 68 22.99 5.62 29.49
N HIS B 69 23.40 6.72 28.86
CA HIS B 69 24.81 7.10 28.77
C HIS B 69 25.64 6.05 28.05
N LEU B 70 25.20 5.68 26.85
CA LEU B 70 25.88 4.69 26.04
C LEU B 70 26.05 5.24 24.63
N VAL B 71 27.09 4.78 23.94
CA VAL B 71 27.33 5.21 22.56
C VAL B 71 26.43 4.36 21.67
N PRO B 72 25.60 5.02 20.83
CA PRO B 72 24.71 4.28 19.94
C PRO B 72 25.41 3.47 18.85
N ARG B 73 24.90 2.26 18.61
CA ARG B 73 25.43 1.40 17.58
C ARG B 73 24.23 0.74 16.90
N LEU B 74 24.13 0.91 15.59
CA LEU B 74 23.03 0.34 14.84
C LEU B 74 23.41 -1.03 14.31
N VAL B 75 22.80 -2.05 14.89
CA VAL B 75 23.08 -3.42 14.48
C VAL B 75 21.82 -4.16 14.04
N LEU B 76 21.83 -4.67 12.81
CA LEU B 76 20.70 -5.43 12.31
C LEU B 76 20.85 -6.81 12.95
N GLN B 77 19.92 -7.15 13.85
CA GLN B 77 19.95 -8.44 14.53
C GLN B 77 19.70 -9.61 13.58
N ARG B 78 20.59 -9.77 12.61
CA ARG B 78 20.50 -10.83 11.60
C ARG B 78 20.20 -12.22 12.16
N GLU B 79 20.89 -12.58 13.24
CA GLU B 79 20.72 -13.87 13.89
C GLU B 79 19.30 -14.06 14.44
N LYS B 80 18.83 -13.07 15.19
CA LYS B 80 17.48 -13.15 15.77
C LYS B 80 16.39 -13.27 14.71
N HIS B 81 16.50 -12.47 13.64
CA HIS B 81 15.51 -12.49 12.56
C HIS B 81 15.55 -13.84 11.83
N PHE B 82 16.75 -14.38 11.66
CA PHE B 82 16.92 -15.65 10.98
C PHE B 82 16.15 -16.76 11.68
N HIS B 83 16.31 -16.84 12.99
CA HIS B 83 15.61 -17.86 13.78
C HIS B 83 14.13 -17.72 13.56
N TYR B 84 13.65 -16.49 13.71
CA TYR B 84 12.24 -16.15 13.54
C TYR B 84 11.74 -16.66 12.19
N LEU B 85 12.50 -16.35 11.15
CA LEU B 85 12.15 -16.75 9.79
C LEU B 85 12.22 -18.25 9.55
N LYS B 86 13.36 -18.85 9.88
CA LYS B 86 13.57 -20.28 9.71
C LYS B 86 12.46 -21.13 10.34
N ARG B 87 11.99 -20.69 11.52
CA ARG B 87 10.93 -21.40 12.22
C ARG B 87 9.58 -21.17 11.55
N GLY B 88 9.28 -19.91 11.24
CA GLY B 88 8.03 -19.58 10.59
C GLY B 88 7.83 -20.31 9.27
N LEU B 89 8.92 -20.51 8.52
CA LEU B 89 8.82 -21.19 7.23
C LEU B 89 8.23 -22.59 7.37
N ARG B 90 8.35 -23.16 8.55
CA ARG B 90 7.86 -24.51 8.79
C ARG B 90 6.60 -24.60 9.62
N GLN B 91 6.52 -23.81 10.68
CA GLN B 91 5.36 -23.91 11.55
C GLN B 91 4.93 -22.61 12.22
N LEU B 92 3.63 -22.45 12.39
CA LEU B 92 3.09 -21.23 12.99
C LEU B 92 2.01 -21.56 14.02
N THR B 93 1.90 -20.72 15.05
CA THR B 93 0.90 -20.92 16.09
C THR B 93 -0.50 -20.51 15.61
N ASP B 94 -1.52 -20.77 16.43
CA ASP B 94 -2.89 -20.43 16.04
C ASP B 94 -3.09 -18.94 15.92
N ALA B 95 -2.05 -18.17 16.16
CA ALA B 95 -2.16 -16.72 16.05
C ALA B 95 -2.18 -16.37 14.56
N TYR B 96 -1.74 -17.30 13.72
CA TYR B 96 -1.71 -17.09 12.27
C TYR B 96 -2.97 -17.61 11.57
N GLU B 97 -3.99 -17.94 12.35
CA GLU B 97 -5.24 -18.42 11.77
C GLU B 97 -5.82 -17.38 10.80
N CYS B 98 -5.57 -16.11 11.07
CA CYS B 98 -6.07 -15.02 10.24
C CYS B 98 -5.33 -14.93 8.90
N LEU B 99 -4.29 -15.75 8.74
CA LEU B 99 -3.53 -15.78 7.50
C LEU B 99 -3.68 -17.12 6.83
N ASP B 100 -4.70 -17.88 7.24
CA ASP B 100 -4.94 -19.19 6.66
C ASP B 100 -5.31 -19.09 5.17
N ALA B 101 -5.67 -17.90 4.72
CA ALA B 101 -6.02 -17.70 3.32
C ALA B 101 -4.95 -16.87 2.64
N SER B 102 -3.78 -16.85 3.26
CA SER B 102 -2.63 -16.11 2.74
C SER B 102 -1.32 -16.88 2.88
N ARG B 103 -1.37 -18.19 2.78
CA ARG B 103 -0.13 -18.95 2.95
C ARG B 103 0.94 -18.75 1.87
N PRO B 104 0.54 -18.53 0.61
CA PRO B 104 1.63 -18.32 -0.35
C PRO B 104 2.34 -17.03 0.06
N TRP B 105 1.59 -16.10 0.66
CA TRP B 105 2.17 -14.84 1.11
C TRP B 105 3.23 -15.12 2.17
N LEU B 106 2.94 -16.03 3.11
CA LEU B 106 3.89 -16.37 4.15
C LEU B 106 5.15 -16.96 3.50
N CYS B 107 4.96 -17.80 2.49
CA CYS B 107 6.10 -18.39 1.80
C CYS B 107 6.95 -17.29 1.20
N TYR B 108 6.31 -16.33 0.53
CA TYR B 108 7.04 -15.22 -0.10
C TYR B 108 7.73 -14.30 0.89
N TRP B 109 7.00 -13.84 1.90
CA TRP B 109 7.58 -12.94 2.88
C TRP B 109 8.83 -13.52 3.55
N ILE B 110 8.74 -14.78 3.93
CA ILE B 110 9.86 -15.43 4.62
C ILE B 110 11.05 -15.69 3.70
N LEU B 111 10.79 -16.34 2.57
CA LEU B 111 11.84 -16.64 1.60
C LEU B 111 12.55 -15.36 1.12
N HIS B 112 11.81 -14.27 0.97
CA HIS B 112 12.41 -13.03 0.50
C HIS B 112 13.27 -12.43 1.60
N SER B 113 12.80 -12.53 2.84
CA SER B 113 13.55 -12.00 3.98
C SER B 113 14.89 -12.75 4.07
N LEU B 114 14.82 -14.08 4.04
CA LEU B 114 16.01 -14.91 4.12
C LEU B 114 16.94 -14.59 2.96
N GLU B 115 16.34 -14.35 1.79
CA GLU B 115 17.09 -14.01 0.59
C GLU B 115 17.83 -12.71 0.81
N LEU B 116 17.13 -11.73 1.38
CA LEU B 116 17.73 -10.43 1.66
C LEU B 116 18.82 -10.54 2.72
N LEU B 117 18.63 -11.45 3.67
CA LEU B 117 19.61 -11.65 4.72
C LEU B 117 20.74 -12.57 4.22
N ASP B 118 20.63 -12.97 2.96
CA ASP B 118 21.62 -13.85 2.32
C ASP B 118 21.79 -15.19 3.03
N GLU B 119 20.66 -15.86 3.24
CA GLU B 119 20.63 -17.17 3.88
C GLU B 119 20.14 -18.17 2.84
N PRO B 120 20.93 -19.23 2.59
CA PRO B 120 20.51 -20.22 1.59
C PRO B 120 19.29 -21.03 1.99
N ILE B 121 18.53 -21.46 0.99
CA ILE B 121 17.33 -22.25 1.22
C ILE B 121 17.64 -23.70 0.89
N PRO B 122 17.69 -24.58 1.92
CA PRO B 122 17.98 -25.99 1.71
C PRO B 122 17.17 -26.57 0.55
N GLN B 123 17.80 -27.38 -0.27
CA GLN B 123 17.10 -27.96 -1.40
C GLN B 123 15.84 -28.73 -0.97
N ILE B 124 15.86 -29.30 0.23
CA ILE B 124 14.71 -30.06 0.72
C ILE B 124 13.57 -29.12 1.12
N VAL B 125 13.91 -27.93 1.61
CA VAL B 125 12.90 -26.95 1.97
C VAL B 125 12.29 -26.37 0.70
N ALA B 126 13.13 -26.12 -0.28
CA ALA B 126 12.69 -25.57 -1.56
C ALA B 126 11.68 -26.52 -2.20
N THR B 127 12.02 -27.80 -2.28
CA THR B 127 11.11 -28.77 -2.87
C THR B 127 9.80 -28.82 -2.08
N ASP B 128 9.89 -28.67 -0.75
CA ASP B 128 8.69 -28.70 0.08
C ASP B 128 7.82 -27.49 -0.24
N VAL B 129 8.43 -26.32 -0.36
CA VAL B 129 7.69 -25.11 -0.69
C VAL B 129 7.00 -25.33 -2.05
N CYS B 130 7.76 -25.85 -3.02
CA CYS B 130 7.23 -26.11 -4.36
C CYS B 130 6.02 -27.02 -4.31
N GLN B 131 6.11 -28.09 -3.54
CA GLN B 131 4.97 -29.02 -3.43
C GLN B 131 3.78 -28.38 -2.74
N PHE B 132 4.02 -27.52 -1.77
CA PHE B 132 2.92 -26.87 -1.07
C PHE B 132 2.19 -25.91 -2.00
N LEU B 133 2.94 -25.15 -2.79
CA LEU B 133 2.33 -24.21 -3.72
C LEU B 133 1.59 -24.96 -4.84
N GLU B 134 2.00 -26.20 -5.11
CA GLU B 134 1.33 -27.00 -6.13
C GLU B 134 -0.09 -27.31 -5.66
N LEU B 135 -0.21 -27.62 -4.38
CA LEU B 135 -1.49 -27.93 -3.78
C LEU B 135 -2.34 -26.68 -3.79
N CYS B 136 -1.68 -25.53 -3.66
CA CYS B 136 -2.33 -24.22 -3.65
C CYS B 136 -2.81 -23.80 -5.03
N GLN B 137 -2.18 -24.36 -6.07
CA GLN B 137 -2.54 -24.02 -7.43
C GLN B 137 -3.92 -24.56 -7.78
N SER B 138 -4.71 -23.74 -8.47
CA SER B 138 -6.07 -24.10 -8.87
C SER B 138 -6.14 -24.73 -10.25
N PRO B 139 -7.09 -25.65 -10.47
CA PRO B 139 -7.22 -26.29 -11.78
C PRO B 139 -7.59 -25.23 -12.84
N ASP B 140 -8.09 -24.10 -12.36
CA ASP B 140 -8.49 -23.00 -13.22
C ASP B 140 -7.32 -22.09 -13.60
N GLY B 141 -6.24 -22.22 -12.86
CA GLY B 141 -5.07 -21.38 -13.10
C GLY B 141 -4.96 -20.44 -11.91
N GLY B 142 -3.76 -19.94 -11.65
CA GLY B 142 -3.58 -19.05 -10.52
C GLY B 142 -3.46 -19.86 -9.24
N PHE B 143 -3.14 -19.19 -8.14
CA PHE B 143 -3.01 -19.87 -6.86
C PHE B 143 -4.00 -19.33 -5.83
N GLY B 144 -4.40 -20.21 -4.91
CA GLY B 144 -5.31 -19.83 -3.85
C GLY B 144 -4.50 -19.58 -2.59
N GLY B 145 -5.14 -19.07 -1.53
CA GLY B 145 -4.41 -18.80 -0.30
C GLY B 145 -4.04 -20.04 0.49
N GLY B 146 -4.42 -21.20 -0.03
CA GLY B 146 -4.13 -22.46 0.61
C GLY B 146 -4.66 -23.60 -0.22
N PRO B 147 -4.39 -24.86 0.16
CA PRO B 147 -4.87 -26.02 -0.60
C PRO B 147 -6.39 -26.01 -0.78
N GLY B 148 -6.84 -26.11 -2.02
CA GLY B 148 -8.27 -26.14 -2.28
C GLY B 148 -8.99 -24.81 -2.27
N GLN B 149 -8.29 -23.72 -1.98
CA GLN B 149 -8.94 -22.43 -1.99
C GLN B 149 -8.99 -21.88 -3.40
N TYR B 150 -10.03 -21.11 -3.72
CA TYR B 150 -10.15 -20.53 -5.05
C TYR B 150 -8.94 -19.66 -5.36
N PRO B 151 -8.56 -19.56 -6.66
CA PRO B 151 -7.41 -18.74 -7.04
C PRO B 151 -7.69 -17.26 -6.79
N HIS B 152 -6.67 -16.52 -6.38
CA HIS B 152 -6.80 -15.11 -6.06
C HIS B 152 -5.49 -14.46 -6.53
N LEU B 153 -5.57 -13.28 -7.13
CA LEU B 153 -4.36 -12.62 -7.65
C LEU B 153 -3.28 -12.28 -6.63
N ALA B 154 -3.63 -11.99 -5.38
CA ALA B 154 -2.59 -11.66 -4.42
C ALA B 154 -1.75 -12.91 -4.11
N PRO B 155 -2.39 -14.02 -3.72
CA PRO B 155 -1.55 -15.19 -3.45
C PRO B 155 -0.87 -15.71 -4.73
N THR B 156 -1.48 -15.43 -5.89
CA THR B 156 -0.86 -15.86 -7.17
C THR B 156 0.47 -15.11 -7.36
N TYR B 157 0.47 -13.83 -7.03
CA TYR B 157 1.67 -12.99 -7.13
C TYR B 157 2.70 -13.50 -6.13
N ALA B 158 2.22 -13.85 -4.95
CA ALA B 158 3.08 -14.36 -3.88
C ALA B 158 3.69 -15.71 -4.25
N ALA B 159 2.86 -16.61 -4.78
CA ALA B 159 3.33 -17.94 -5.18
C ALA B 159 4.40 -17.83 -6.26
N VAL B 160 4.10 -17.08 -7.31
CA VAL B 160 5.04 -16.91 -8.40
C VAL B 160 6.35 -16.29 -7.91
N ASN B 161 6.27 -15.26 -7.07
CA ASN B 161 7.48 -14.63 -6.55
C ASN B 161 8.32 -15.60 -5.70
N ALA B 162 7.63 -16.44 -4.92
CA ALA B 162 8.31 -17.40 -4.08
C ALA B 162 9.01 -18.43 -4.96
N LEU B 163 8.28 -18.97 -5.92
CA LEU B 163 8.83 -19.96 -6.83
C LEU B 163 10.06 -19.40 -7.54
N CYS B 164 10.01 -18.13 -7.94
CA CYS B 164 11.13 -17.50 -8.63
C CYS B 164 12.31 -17.30 -7.69
N ILE B 165 12.05 -16.99 -6.43
CA ILE B 165 13.12 -16.81 -5.45
C ILE B 165 13.87 -18.13 -5.34
N ILE B 166 13.13 -19.24 -5.37
CA ILE B 166 13.74 -20.55 -5.31
C ILE B 166 14.55 -20.73 -6.60
N GLY B 167 13.95 -20.35 -7.71
CA GLY B 167 14.63 -20.40 -9.00
C GLY B 167 15.09 -21.72 -9.60
N THR B 168 14.56 -22.85 -9.15
CA THR B 168 14.95 -24.13 -9.71
C THR B 168 14.00 -24.52 -10.84
N GLU B 169 14.44 -25.47 -11.65
CA GLU B 169 13.64 -25.98 -12.75
C GLU B 169 12.34 -26.54 -12.17
N GLU B 170 12.44 -27.14 -10.99
CA GLU B 170 11.28 -27.72 -10.33
C GLU B 170 10.24 -26.65 -10.01
N ALA B 171 10.69 -25.58 -9.37
CA ALA B 171 9.84 -24.47 -9.00
C ALA B 171 9.16 -23.86 -10.20
N TYR B 172 9.93 -23.55 -11.24
CA TYR B 172 9.38 -22.96 -12.46
C TYR B 172 8.30 -23.87 -13.03
N ASN B 173 8.53 -25.17 -13.04
CA ASN B 173 7.57 -26.10 -13.62
C ASN B 173 6.26 -26.25 -12.87
N VAL B 174 6.21 -25.77 -11.63
CA VAL B 174 4.98 -25.85 -10.84
C VAL B 174 3.90 -25.02 -11.51
N ILE B 175 4.30 -23.87 -12.06
CA ILE B 175 3.38 -22.95 -12.70
C ILE B 175 2.79 -23.45 -14.01
N ASN B 176 1.46 -23.56 -14.06
CA ASN B 176 0.76 -23.99 -15.25
C ASN B 176 0.52 -22.68 -16.02
N ARG B 177 1.40 -22.37 -16.95
CA ARG B 177 1.35 -21.14 -17.73
C ARG B 177 0.09 -20.96 -18.57
N GLU B 178 -0.41 -22.03 -19.15
CA GLU B 178 -1.61 -21.94 -19.98
C GLU B 178 -2.83 -21.57 -19.15
N LYS B 179 -2.98 -22.24 -18.01
CA LYS B 179 -4.11 -22.00 -17.13
C LYS B 179 -4.00 -20.62 -16.48
N LEU B 180 -2.78 -20.21 -16.18
CA LEU B 180 -2.57 -18.91 -15.55
C LEU B 180 -3.10 -17.80 -16.46
N LEU B 181 -2.82 -17.94 -17.75
CA LEU B 181 -3.26 -16.97 -18.75
C LEU B 181 -4.78 -16.95 -18.80
N GLN B 182 -5.36 -18.15 -18.91
CA GLN B 182 -6.81 -18.28 -18.92
C GLN B 182 -7.41 -17.57 -17.70
N TYR B 183 -6.84 -17.82 -16.53
CA TYR B 183 -7.34 -17.20 -15.30
C TYR B 183 -7.26 -15.68 -15.40
N LEU B 184 -6.11 -15.16 -15.81
CA LEU B 184 -5.94 -13.71 -15.96
C LEU B 184 -7.07 -13.14 -16.84
N TYR B 185 -7.33 -13.78 -17.97
CA TYR B 185 -8.39 -13.33 -18.88
C TYR B 185 -9.77 -13.36 -18.23
N SER B 186 -10.02 -14.31 -17.33
CA SER B 186 -11.32 -14.39 -16.70
C SER B 186 -11.55 -13.22 -15.73
N LEU B 187 -10.47 -12.54 -15.35
CA LEU B 187 -10.54 -11.42 -14.42
C LEU B 187 -10.54 -10.06 -15.12
N LYS B 188 -10.12 -10.03 -16.39
CA LYS B 188 -10.05 -8.80 -17.19
C LYS B 188 -11.40 -8.12 -17.35
N GLN B 189 -11.44 -6.82 -17.09
CA GLN B 189 -12.67 -6.05 -17.23
C GLN B 189 -12.55 -5.19 -18.49
N PRO B 190 -13.69 -4.70 -19.00
CA PRO B 190 -13.66 -3.87 -20.21
C PRO B 190 -12.92 -2.53 -20.03
N ASP B 191 -12.99 -1.95 -18.83
CA ASP B 191 -12.34 -0.69 -18.58
C ASP B 191 -10.82 -0.81 -18.40
N GLY B 192 -10.27 -2.01 -18.59
CA GLY B 192 -8.83 -2.19 -18.46
C GLY B 192 -8.33 -2.75 -17.13
N SER B 193 -9.18 -2.74 -16.12
CA SER B 193 -8.82 -3.23 -14.80
C SER B 193 -9.03 -4.75 -14.66
N PHE B 194 -8.59 -5.29 -13.52
CA PHE B 194 -8.75 -6.73 -13.23
C PHE B 194 -9.44 -6.95 -11.90
N LEU B 195 -10.19 -8.05 -11.77
CA LEU B 195 -10.81 -8.38 -10.50
C LEU B 195 -9.67 -9.03 -9.69
N MET B 196 -9.74 -9.01 -8.36
CA MET B 196 -8.69 -9.65 -7.57
C MET B 196 -8.90 -11.16 -7.70
N HIS B 197 -10.16 -11.55 -7.83
CA HIS B 197 -10.57 -12.95 -7.99
C HIS B 197 -12.00 -13.00 -8.55
N VAL B 198 -12.45 -14.17 -9.00
CA VAL B 198 -13.78 -14.28 -9.57
C VAL B 198 -14.86 -13.85 -8.56
N GLY B 199 -15.74 -12.95 -8.99
CA GLY B 199 -16.79 -12.47 -8.11
C GLY B 199 -16.21 -11.59 -7.01
N GLY B 200 -14.97 -11.17 -7.20
CA GLY B 200 -14.29 -10.33 -6.21
C GLY B 200 -14.17 -8.86 -6.58
N GLU B 201 -13.47 -8.10 -5.74
CA GLU B 201 -13.30 -6.65 -5.94
C GLU B 201 -12.16 -6.27 -6.90
N VAL B 202 -12.15 -5.01 -7.32
CA VAL B 202 -11.10 -4.50 -8.19
C VAL B 202 -10.43 -3.24 -7.62
N ASP B 203 -9.11 -3.19 -7.74
CA ASP B 203 -8.30 -2.04 -7.34
C ASP B 203 -6.94 -2.24 -8.00
N VAL B 204 -6.11 -1.21 -7.98
CA VAL B 204 -4.82 -1.25 -8.65
C VAL B 204 -3.89 -2.41 -8.28
N ARG B 205 -4.14 -3.08 -7.16
CA ARG B 205 -3.31 -4.21 -6.77
C ARG B 205 -3.38 -5.29 -7.85
N SER B 206 -4.59 -5.55 -8.33
CA SER B 206 -4.79 -6.58 -9.33
C SER B 206 -3.99 -6.34 -10.60
N ALA B 207 -3.89 -5.09 -11.01
CA ALA B 207 -3.16 -4.74 -12.22
C ALA B 207 -1.70 -5.14 -12.04
N TYR B 208 -1.14 -4.79 -10.89
CA TYR B 208 0.25 -5.11 -10.60
C TYR B 208 0.48 -6.63 -10.47
N CYS B 209 -0.39 -7.31 -9.74
CA CYS B 209 -0.24 -8.75 -9.57
C CYS B 209 -0.29 -9.47 -10.92
N ALA B 210 -1.20 -9.03 -11.77
CA ALA B 210 -1.36 -9.62 -13.09
C ALA B 210 -0.12 -9.36 -13.96
N ALA B 211 0.31 -8.10 -13.99
CA ALA B 211 1.47 -7.71 -14.78
C ALA B 211 2.73 -8.40 -14.28
N SER B 212 2.83 -8.53 -12.97
CA SER B 212 4.00 -9.14 -12.34
C SER B 212 4.17 -10.59 -12.73
N VAL B 213 3.13 -11.39 -12.53
CA VAL B 213 3.18 -12.81 -12.86
C VAL B 213 3.18 -13.08 -14.37
N ALA B 214 2.42 -12.30 -15.13
CA ALA B 214 2.35 -12.48 -16.58
C ALA B 214 3.68 -12.15 -17.27
N SER B 215 4.39 -11.14 -16.77
CA SER B 215 5.65 -10.77 -17.38
C SER B 215 6.75 -11.78 -17.06
N LEU B 216 6.90 -12.10 -15.78
CA LEU B 216 7.92 -13.06 -15.37
C LEU B 216 7.78 -14.42 -16.06
N THR B 217 6.55 -14.88 -16.29
CA THR B 217 6.33 -16.18 -16.92
C THR B 217 6.12 -16.11 -18.42
N ASN B 218 6.27 -14.92 -19.00
CA ASN B 218 6.12 -14.74 -20.44
C ASN B 218 4.79 -15.24 -21.04
N ILE B 219 3.67 -14.71 -20.54
CA ILE B 219 2.36 -15.08 -21.07
C ILE B 219 1.61 -13.86 -21.54
N ILE B 220 2.30 -12.73 -21.65
CA ILE B 220 1.66 -11.51 -22.07
C ILE B 220 1.31 -11.50 -23.56
N THR B 221 0.02 -11.63 -23.85
CA THR B 221 -0.49 -11.60 -25.21
C THR B 221 -0.66 -10.13 -25.62
N PRO B 222 -0.91 -9.88 -26.92
CA PRO B 222 -1.09 -8.50 -27.41
C PRO B 222 -2.22 -7.69 -26.78
N ASP B 223 -3.30 -8.35 -26.38
CA ASP B 223 -4.46 -7.66 -25.80
C ASP B 223 -4.74 -7.88 -24.31
N LEU B 224 -3.96 -8.73 -23.65
CA LEU B 224 -4.18 -9.01 -22.23
C LEU B 224 -4.28 -7.75 -21.39
N PHE B 225 -3.34 -6.83 -21.57
CA PHE B 225 -3.32 -5.59 -20.80
C PHE B 225 -3.82 -4.36 -21.55
N GLU B 226 -4.71 -4.56 -22.50
CA GLU B 226 -5.24 -3.43 -23.25
C GLU B 226 -6.10 -2.58 -22.34
N GLY B 227 -5.81 -1.30 -22.27
CA GLY B 227 -6.60 -0.43 -21.41
C GLY B 227 -6.12 -0.35 -19.98
N THR B 228 -5.32 -1.34 -19.55
CA THR B 228 -4.81 -1.36 -18.17
C THR B 228 -4.03 -0.10 -17.83
N ALA B 229 -3.05 0.22 -18.66
CA ALA B 229 -2.23 1.41 -18.44
C ALA B 229 -3.10 2.64 -18.27
N GLU B 230 -4.16 2.74 -19.09
CA GLU B 230 -5.04 3.90 -19.00
C GLU B 230 -5.84 3.91 -17.71
N TRP B 231 -6.34 2.74 -17.31
CA TRP B 231 -7.11 2.63 -16.08
C TRP B 231 -6.21 3.00 -14.91
N ILE B 232 -4.97 2.55 -14.93
CA ILE B 232 -4.05 2.89 -13.87
C ILE B 232 -3.81 4.40 -13.80
N ALA B 233 -3.64 5.02 -14.97
CA ALA B 233 -3.40 6.47 -15.03
C ALA B 233 -4.61 7.24 -14.47
N ARG B 234 -5.80 6.66 -14.57
CA ARG B 234 -6.97 7.33 -14.02
C ARG B 234 -6.94 7.32 -12.49
N CYS B 235 -6.12 6.43 -11.91
CA CYS B 235 -6.05 6.33 -10.45
C CYS B 235 -5.15 7.40 -9.85
N GLN B 236 -4.35 8.07 -10.69
CA GLN B 236 -3.50 9.12 -10.17
C GLN B 236 -4.44 10.29 -9.90
N ASN B 237 -4.34 10.90 -8.72
CA ASN B 237 -5.22 12.00 -8.36
C ASN B 237 -4.52 13.36 -8.15
N TRP B 238 -5.32 14.34 -7.73
CA TRP B 238 -4.84 15.69 -7.48
C TRP B 238 -3.63 15.78 -6.56
N GLU B 239 -3.37 14.71 -5.83
CA GLU B 239 -2.25 14.69 -4.89
C GLU B 239 -0.92 14.36 -5.55
N GLY B 240 -0.98 13.69 -6.69
CA GLY B 240 0.22 13.29 -7.38
C GLY B 240 0.42 11.79 -7.23
N GLY B 241 -0.13 11.23 -6.14
CA GLY B 241 -0.01 9.82 -5.90
C GLY B 241 -1.12 9.05 -6.60
N ILE B 242 -1.24 7.77 -6.28
CA ILE B 242 -2.23 6.91 -6.90
C ILE B 242 -3.14 6.26 -5.85
N GLY B 243 -4.44 6.23 -6.14
CA GLY B 243 -5.41 5.64 -5.24
C GLY B 243 -5.78 4.23 -5.65
N GLY B 244 -6.52 3.50 -4.81
CA GLY B 244 -6.89 2.13 -5.15
C GLY B 244 -7.71 2.03 -6.42
N VAL B 245 -8.64 2.97 -6.57
CA VAL B 245 -9.51 3.03 -7.75
C VAL B 245 -9.67 4.52 -8.08
N PRO B 246 -10.07 4.85 -9.32
CA PRO B 246 -10.22 6.27 -9.66
C PRO B 246 -11.03 7.03 -8.63
N GLY B 247 -10.52 8.17 -8.20
CA GLY B 247 -11.23 9.00 -7.24
C GLY B 247 -10.78 8.89 -5.79
N MET B 248 -10.05 7.83 -5.47
CA MET B 248 -9.59 7.61 -4.11
C MET B 248 -8.26 8.26 -3.74
N GLU B 249 -8.10 8.51 -2.44
CA GLU B 249 -6.91 9.14 -1.88
C GLU B 249 -5.62 8.43 -2.28
N ALA B 250 -4.56 9.20 -2.43
CA ALA B 250 -3.26 8.65 -2.82
C ALA B 250 -2.67 7.83 -1.67
N HIS B 251 -2.20 6.63 -1.99
CA HIS B 251 -1.63 5.76 -0.97
C HIS B 251 -0.39 5.02 -1.47
N GLY B 252 0.63 4.97 -0.63
CA GLY B 252 1.87 4.30 -1.01
C GLY B 252 1.75 2.88 -1.53
N GLY B 253 0.92 2.04 -0.91
CA GLY B 253 0.79 0.68 -1.38
C GLY B 253 0.25 0.64 -2.79
N TYR B 254 -0.79 1.40 -3.04
CA TYR B 254 -1.42 1.45 -4.37
C TYR B 254 -0.55 2.21 -5.38
N THR B 255 0.17 3.22 -4.92
CA THR B 255 1.03 3.97 -5.84
C THR B 255 2.15 3.05 -6.31
N PHE B 256 2.66 2.22 -5.40
CA PHE B 256 3.72 1.30 -5.80
C PHE B 256 3.19 0.34 -6.87
N CYS B 257 2.02 -0.22 -6.63
CA CYS B 257 1.42 -1.16 -7.58
C CYS B 257 1.21 -0.50 -8.93
N GLY B 258 0.66 0.70 -8.91
CA GLY B 258 0.40 1.43 -10.15
C GLY B 258 1.65 1.68 -10.99
N LEU B 259 2.63 2.37 -10.41
CA LEU B 259 3.86 2.66 -11.13
C LEU B 259 4.56 1.39 -11.56
N ALA B 260 4.82 0.48 -10.61
CA ALA B 260 5.49 -0.76 -10.93
C ALA B 260 4.78 -1.47 -12.08
N ALA B 261 3.45 -1.48 -12.06
CA ALA B 261 2.72 -2.15 -13.13
C ALA B 261 3.01 -1.44 -14.45
N LEU B 262 2.98 -0.11 -14.44
CA LEU B 262 3.25 0.66 -15.64
C LEU B 262 4.67 0.43 -16.17
N VAL B 263 5.64 0.27 -15.27
CA VAL B 263 7.02 0.03 -15.69
C VAL B 263 7.09 -1.32 -16.40
N ILE B 264 6.27 -2.26 -15.96
CA ILE B 264 6.25 -3.57 -16.58
C ILE B 264 5.65 -3.46 -17.98
N LEU B 265 4.59 -2.67 -18.11
CA LEU B 265 3.92 -2.49 -19.39
C LEU B 265 4.62 -1.44 -20.28
N LYS B 266 5.64 -0.78 -19.75
CA LYS B 266 6.40 0.24 -20.48
C LYS B 266 5.56 1.47 -20.79
N LYS B 267 4.64 1.81 -19.89
CA LYS B 267 3.77 2.96 -20.09
C LYS B 267 3.87 3.95 -18.92
N GLU B 268 5.02 3.98 -18.24
CA GLU B 268 5.21 4.89 -17.12
C GLU B 268 4.80 6.30 -17.53
N ARG B 269 5.06 6.61 -18.80
CA ARG B 269 4.77 7.91 -19.39
C ARG B 269 3.33 8.37 -19.21
N SER B 270 2.41 7.42 -19.05
CA SER B 270 1.00 7.73 -18.87
C SER B 270 0.72 8.57 -17.61
N LEU B 271 1.71 8.65 -16.73
CA LEU B 271 1.54 9.38 -15.48
C LEU B 271 2.25 10.71 -15.47
N ASN B 272 1.75 11.61 -14.64
CA ASN B 272 2.40 12.90 -14.46
C ASN B 272 3.47 12.47 -13.45
N LEU B 273 4.65 12.12 -13.94
CA LEU B 273 5.73 11.67 -13.07
C LEU B 273 6.26 12.72 -12.11
N LYS B 274 6.13 13.98 -12.48
CA LYS B 274 6.63 15.04 -11.62
C LYS B 274 5.75 15.22 -10.38
N SER B 275 4.43 15.19 -10.58
CA SER B 275 3.54 15.34 -9.43
C SER B 275 3.68 14.11 -8.53
N LEU B 276 3.90 12.94 -9.13
CA LEU B 276 4.07 11.72 -8.37
C LEU B 276 5.35 11.78 -7.53
N LEU B 277 6.46 12.18 -8.16
CA LEU B 277 7.74 12.29 -7.44
C LEU B 277 7.63 13.24 -6.26
N GLN B 278 6.94 14.34 -6.44
CA GLN B 278 6.80 15.32 -5.37
C GLN B 278 5.95 14.77 -4.22
N TRP B 279 4.95 13.97 -4.56
CA TRP B 279 4.07 13.37 -3.56
C TRP B 279 4.78 12.33 -2.69
N VAL B 280 5.49 11.41 -3.33
CA VAL B 280 6.19 10.37 -2.58
C VAL B 280 7.28 10.94 -1.67
N THR B 281 8.08 11.85 -2.20
CA THR B 281 9.14 12.44 -1.40
C THR B 281 8.58 13.14 -0.18
N SER B 282 7.38 13.70 -0.30
CA SER B 282 6.73 14.39 0.83
C SER B 282 6.21 13.38 1.85
N ARG B 283 6.17 12.11 1.47
CA ARG B 283 5.66 11.08 2.36
C ARG B 283 6.68 10.63 3.41
N GLN B 284 7.91 11.10 3.28
CA GLN B 284 8.92 10.73 4.26
C GLN B 284 8.74 11.67 5.45
N MET B 285 8.73 11.11 6.66
CA MET B 285 8.53 11.93 7.85
C MET B 285 9.82 12.66 8.24
N ARG B 286 9.74 13.98 8.31
CA ARG B 286 10.90 14.80 8.66
C ARG B 286 11.51 14.43 10.00
N PHE B 287 10.67 14.09 10.99
CA PHE B 287 11.18 13.70 12.30
C PHE B 287 11.53 12.22 12.41
N GLU B 288 10.53 11.35 12.23
CA GLU B 288 10.74 9.91 12.34
C GLU B 288 11.81 9.35 11.42
N GLY B 289 11.82 9.79 10.17
CA GLY B 289 12.81 9.28 9.24
C GLY B 289 12.22 8.24 8.31
N GLY B 290 11.17 7.58 8.77
CA GLY B 290 10.52 6.57 7.94
C GLY B 290 9.46 7.20 7.06
N PHE B 291 8.63 6.38 6.42
CA PHE B 291 7.58 6.92 5.57
C PHE B 291 6.18 6.66 6.10
N GLN B 292 5.23 7.44 5.60
CA GLN B 292 3.82 7.28 5.95
C GLN B 292 3.19 6.77 4.66
N GLY B 293 2.00 6.17 4.76
CA GLY B 293 1.32 5.62 3.59
C GLY B 293 0.50 6.66 2.84
N ARG B 294 0.13 7.72 3.53
CA ARG B 294 -0.64 8.79 2.92
C ARG B 294 -0.53 10.03 3.78
N CYS B 295 -0.78 11.18 3.18
CA CYS B 295 -0.69 12.46 3.86
C CYS B 295 -1.47 12.57 5.16
N ASN B 296 -0.80 13.12 6.18
CA ASN B 296 -1.36 13.32 7.51
C ASN B 296 -1.70 12.05 8.28
N LYS B 297 -0.97 10.98 7.99
CA LYS B 297 -1.14 9.71 8.68
C LYS B 297 0.18 9.35 9.37
N LEU B 298 0.23 8.20 10.03
CA LEU B 298 1.41 7.80 10.77
C LEU B 298 2.47 7.03 10.01
N VAL B 299 3.71 7.19 10.45
CA VAL B 299 4.84 6.51 9.84
C VAL B 299 4.65 5.01 10.06
N ASP B 300 5.21 4.20 9.16
CA ASP B 300 5.08 2.76 9.25
C ASP B 300 6.20 2.10 8.46
N GLY B 301 6.96 1.27 9.16
CA GLY B 301 8.08 0.56 8.58
C GLY B 301 7.87 -0.16 7.27
N CYS B 302 6.68 -0.69 6.99
CA CYS B 302 6.50 -1.41 5.72
C CYS B 302 6.54 -0.45 4.55
N TYR B 303 6.20 0.82 4.78
CA TYR B 303 6.22 1.82 3.72
C TYR B 303 7.66 2.18 3.39
N SER B 304 8.61 1.53 4.07
CA SER B 304 10.00 1.78 3.78
C SER B 304 10.23 1.16 2.40
N PHE B 305 9.32 0.28 1.99
CA PHE B 305 9.44 -0.32 0.67
C PHE B 305 8.39 0.24 -0.29
N TRP B 306 7.13 0.18 0.13
CA TRP B 306 6.07 0.68 -0.73
C TRP B 306 6.31 2.11 -1.21
N GLN B 307 6.72 3.00 -0.30
CA GLN B 307 6.96 4.41 -0.64
C GLN B 307 8.39 4.63 -1.19
N ALA B 308 9.40 4.32 -0.41
CA ALA B 308 10.78 4.51 -0.84
C ALA B 308 11.12 3.70 -2.10
N GLY B 309 10.44 2.58 -2.29
CA GLY B 309 10.69 1.74 -3.45
C GLY B 309 10.30 2.43 -4.75
N LEU B 310 9.52 3.50 -4.66
CA LEU B 310 9.09 4.24 -5.84
C LEU B 310 10.21 5.10 -6.41
N LEU B 311 11.16 5.50 -5.57
CA LEU B 311 12.27 6.34 -6.04
C LEU B 311 13.13 5.61 -7.09
N PRO B 312 13.48 4.35 -6.85
CA PRO B 312 14.31 3.68 -7.88
C PRO B 312 13.51 3.52 -9.18
N LEU B 313 12.19 3.43 -9.07
CA LEU B 313 11.34 3.27 -10.25
C LEU B 313 11.27 4.59 -11.02
N LEU B 314 11.08 5.69 -10.31
CA LEU B 314 11.02 7.01 -10.94
C LEU B 314 12.40 7.37 -11.51
N HIS B 315 13.45 6.97 -10.80
CA HIS B 315 14.80 7.25 -11.26
C HIS B 315 15.02 6.58 -12.61
N ARG B 316 14.56 5.35 -12.73
CA ARG B 316 14.69 4.58 -13.96
C ARG B 316 13.76 5.12 -15.05
N ALA B 317 12.61 5.63 -14.64
CA ALA B 317 11.64 6.17 -15.60
C ALA B 317 12.13 7.49 -16.18
N LEU B 318 12.62 8.37 -15.31
CA LEU B 318 13.11 9.67 -15.73
C LEU B 318 14.34 9.54 -16.61
N HIS B 319 15.26 8.68 -16.21
CA HIS B 319 16.48 8.47 -16.97
C HIS B 319 16.17 7.99 -18.39
N ALA B 320 15.12 7.19 -18.54
CA ALA B 320 14.73 6.67 -19.85
C ALA B 320 14.27 7.83 -20.73
N GLN B 321 13.81 8.90 -20.10
CA GLN B 321 13.36 10.08 -20.82
C GLN B 321 14.54 11.03 -21.03
N GLY B 322 15.70 10.63 -20.53
CA GLY B 322 16.90 11.43 -20.67
C GLY B 322 17.06 12.59 -19.69
N ASP B 323 16.41 12.49 -18.53
CA ASP B 323 16.48 13.54 -17.50
C ASP B 323 17.96 13.70 -17.13
N PRO B 324 18.52 14.89 -17.36
CA PRO B 324 19.93 15.11 -17.04
C PRO B 324 20.26 15.50 -15.61
N ALA B 325 19.25 15.78 -14.80
CA ALA B 325 19.49 16.20 -13.41
C ALA B 325 19.62 15.09 -12.37
N LEU B 326 19.24 13.86 -12.75
CA LEU B 326 19.32 12.74 -11.82
C LEU B 326 20.68 12.45 -11.22
N SER B 327 20.71 12.25 -9.90
CA SER B 327 21.94 11.95 -9.19
C SER B 327 22.62 10.69 -9.70
N MET B 328 23.92 10.58 -9.42
CA MET B 328 24.70 9.42 -9.85
C MET B 328 25.03 8.52 -8.67
N SER B 329 24.57 8.90 -7.48
CA SER B 329 24.86 8.11 -6.30
C SER B 329 23.74 7.90 -5.28
N HIS B 330 22.64 8.64 -5.37
CA HIS B 330 21.57 8.50 -4.39
C HIS B 330 20.16 8.54 -4.96
N TRP B 331 19.23 7.89 -4.26
CA TRP B 331 17.82 7.89 -4.64
C TRP B 331 17.28 9.20 -4.10
N MET B 332 16.16 9.68 -4.63
CA MET B 332 15.62 10.95 -4.16
C MET B 332 14.83 10.94 -2.84
N PHE B 333 15.45 10.40 -1.80
CA PHE B 333 14.88 10.35 -0.45
C PHE B 333 16.06 10.18 0.50
N HIS B 334 15.89 10.58 1.77
CA HIS B 334 16.97 10.47 2.74
C HIS B 334 17.25 8.99 3.06
N GLN B 335 18.21 8.41 2.38
CA GLN B 335 18.55 7.01 2.62
C GLN B 335 18.98 6.76 4.06
N GLN B 336 19.86 7.63 4.56
CA GLN B 336 20.34 7.51 5.93
C GLN B 336 19.22 7.51 6.97
N ALA B 337 18.32 8.49 6.90
CA ALA B 337 17.22 8.59 7.86
C ALA B 337 16.30 7.36 7.85
N LEU B 338 16.01 6.81 6.67
CA LEU B 338 15.16 5.63 6.59
C LEU B 338 15.85 4.44 7.24
N GLN B 339 17.17 4.36 7.10
CA GLN B 339 17.91 3.26 7.71
C GLN B 339 17.95 3.40 9.23
N GLU B 340 18.06 4.63 9.70
CA GLU B 340 18.10 4.90 11.12
C GLU B 340 16.74 4.54 11.73
N TYR B 341 15.66 4.91 11.05
CA TYR B 341 14.31 4.61 11.52
C TYR B 341 14.12 3.10 11.65
N ILE B 342 14.41 2.39 10.56
CA ILE B 342 14.27 0.94 10.54
C ILE B 342 15.11 0.24 11.60
N LEU B 343 16.39 0.56 11.64
CA LEU B 343 17.32 -0.04 12.59
C LEU B 343 17.08 0.28 14.06
N MET B 344 16.75 1.52 14.38
CA MET B 344 16.53 1.90 15.78
C MET B 344 15.10 1.65 16.27
N CYS B 345 14.13 1.84 15.37
CA CYS B 345 12.72 1.69 15.74
C CYS B 345 11.90 0.50 15.26
N CYS B 346 12.39 -0.23 14.27
CA CYS B 346 11.60 -1.34 13.74
C CYS B 346 12.07 -2.77 13.98
N GLN B 347 13.04 -2.95 14.86
CA GLN B 347 13.50 -4.30 15.15
C GLN B 347 12.93 -4.79 16.47
N CYS B 348 12.44 -6.02 16.47
CA CYS B 348 11.93 -6.63 17.68
C CYS B 348 13.14 -7.38 18.24
N PRO B 349 13.53 -7.08 19.49
CA PRO B 349 14.69 -7.77 20.06
C PRO B 349 14.61 -9.30 19.95
N ALA B 350 13.40 -9.84 19.94
CA ALA B 350 13.21 -11.29 19.82
C ALA B 350 13.36 -11.78 18.38
N GLY B 351 13.46 -10.86 17.43
CA GLY B 351 13.57 -11.24 16.04
C GLY B 351 12.33 -10.82 15.27
N GLY B 352 12.51 -10.36 14.03
CA GLY B 352 11.40 -9.92 13.23
C GLY B 352 11.35 -8.41 13.28
N LEU B 353 10.72 -7.78 12.29
CA LEU B 353 10.65 -6.32 12.28
C LEU B 353 9.23 -5.82 12.37
N LEU B 354 9.04 -4.51 12.51
CA LEU B 354 7.70 -3.99 12.65
C LEU B 354 7.34 -2.59 12.17
N ASP B 355 6.07 -2.27 12.33
CA ASP B 355 5.47 -0.98 11.95
C ASP B 355 6.26 0.13 12.63
N LYS B 356 6.08 0.25 13.94
CA LYS B 356 6.73 1.27 14.75
C LYS B 356 6.91 0.71 16.16
N PRO B 357 7.75 1.36 16.98
CA PRO B 357 7.93 0.85 18.34
C PRO B 357 6.59 0.72 19.08
N GLY B 358 6.42 -0.41 19.78
CA GLY B 358 5.19 -0.61 20.51
C GLY B 358 4.28 -1.59 19.81
N LYS B 359 4.51 -1.83 18.51
CA LYS B 359 3.69 -2.76 17.75
C LYS B 359 4.30 -4.16 17.80
N SER B 360 3.49 -5.17 17.48
CA SER B 360 3.96 -6.56 17.49
C SER B 360 4.58 -6.89 16.15
N ARG B 361 5.55 -7.80 16.18
CA ARG B 361 6.23 -8.23 14.97
C ARG B 361 5.31 -9.10 14.13
N ASP B 362 5.66 -9.24 12.85
CA ASP B 362 4.94 -10.11 11.93
C ASP B 362 5.80 -10.27 10.68
N PHE B 363 5.56 -11.34 9.93
CA PHE B 363 6.35 -11.60 8.77
C PHE B 363 6.18 -10.59 7.64
N TYR B 364 4.99 -9.99 7.53
CA TYR B 364 4.74 -8.99 6.50
C TYR B 364 5.69 -7.80 6.71
N HIS B 365 5.71 -7.27 7.93
CA HIS B 365 6.58 -6.16 8.26
C HIS B 365 8.06 -6.53 8.23
N THR B 366 8.36 -7.81 8.48
CA THR B 366 9.75 -8.26 8.45
C THR B 366 10.19 -8.18 6.99
N CYS B 367 9.35 -8.71 6.11
CA CYS B 367 9.63 -8.72 4.69
C CYS B 367 9.82 -7.32 4.10
N TYR B 368 8.93 -6.40 4.41
CA TYR B 368 9.04 -5.07 3.85
C TYR B 368 9.98 -4.12 4.56
N CYS B 369 10.22 -4.31 5.85
CA CYS B 369 11.17 -3.44 6.52
C CYS B 369 12.57 -3.74 5.96
N LEU B 370 12.86 -5.01 5.73
CA LEU B 370 14.16 -5.43 5.20
C LEU B 370 14.26 -5.03 3.73
N SER B 371 13.16 -5.19 3.00
CA SER B 371 13.15 -4.82 1.58
C SER B 371 13.51 -3.35 1.47
N GLY B 372 12.88 -2.53 2.30
CA GLY B 372 13.14 -1.10 2.30
C GLY B 372 14.56 -0.76 2.72
N LEU B 373 15.11 -1.49 3.68
CA LEU B 373 16.46 -1.24 4.13
C LEU B 373 17.39 -1.44 2.93
N SER B 374 17.15 -2.52 2.20
CA SER B 374 17.95 -2.86 1.01
C SER B 374 17.94 -1.71 0.02
N ILE B 375 16.74 -1.22 -0.30
CA ILE B 375 16.59 -0.11 -1.24
C ILE B 375 17.45 1.07 -0.78
N ALA B 376 17.26 1.46 0.48
CA ALA B 376 17.96 2.60 1.06
C ALA B 376 19.49 2.50 1.14
N GLN B 377 20.03 1.29 1.04
CA GLN B 377 21.48 1.18 1.11
C GLN B 377 22.14 0.82 -0.22
N HIS B 378 21.33 0.55 -1.24
CA HIS B 378 21.86 0.21 -2.56
C HIS B 378 21.37 1.08 -3.71
N PHE B 379 22.28 1.86 -4.30
CA PHE B 379 21.95 2.70 -5.44
C PHE B 379 22.47 2.05 -6.72
N GLY B 380 21.74 2.21 -7.82
CA GLY B 380 22.16 1.62 -9.07
C GLY B 380 21.47 2.24 -10.26
N SER B 381 22.26 2.89 -11.12
CA SER B 381 21.72 3.53 -12.32
C SER B 381 22.64 3.30 -13.52
N GLY B 382 22.51 2.13 -14.15
CA GLY B 382 23.32 1.81 -15.31
C GLY B 382 24.72 1.34 -14.99
N ALA B 383 25.68 2.26 -15.08
CA ALA B 383 27.08 1.95 -14.81
C ALA B 383 27.48 2.31 -13.38
N MET B 384 26.70 3.17 -12.75
CA MET B 384 26.97 3.60 -11.38
C MET B 384 26.43 2.66 -10.31
N LEU B 385 27.15 2.63 -9.18
CA LEU B 385 26.79 1.81 -8.03
C LEU B 385 27.33 2.52 -6.79
N HIS B 386 26.44 2.80 -5.83
CA HIS B 386 26.85 3.48 -4.61
C HIS B 386 26.06 2.95 -3.43
N ASP B 387 26.76 2.62 -2.34
CA ASP B 387 26.12 2.11 -1.15
C ASP B 387 26.22 3.07 0.03
N VAL B 388 25.26 2.94 0.94
CA VAL B 388 25.20 3.74 2.16
C VAL B 388 24.70 2.74 3.19
N VAL B 389 25.62 2.19 3.97
CA VAL B 389 25.26 1.21 4.97
C VAL B 389 25.43 1.79 6.38
N MET B 390 24.34 2.28 6.94
CA MET B 390 24.36 2.87 8.28
C MET B 390 24.65 1.78 9.32
N GLY B 391 25.38 2.17 10.37
CA GLY B 391 25.73 1.22 11.43
C GLY B 391 26.82 0.23 11.01
N VAL B 392 26.92 -0.88 11.74
CA VAL B 392 27.92 -1.90 11.43
C VAL B 392 27.80 -2.39 9.99
N PRO B 393 28.95 -2.61 9.31
CA PRO B 393 29.01 -3.08 7.92
C PRO B 393 28.23 -4.35 7.63
N GLU B 394 28.11 -5.23 8.62
CA GLU B 394 27.39 -6.48 8.44
C GLU B 394 25.89 -6.25 8.20
N ASN B 395 25.48 -4.99 8.30
CA ASN B 395 24.08 -4.62 8.08
C ASN B 395 23.70 -4.69 6.61
N VAL B 396 24.70 -4.66 5.72
CA VAL B 396 24.41 -4.72 4.29
C VAL B 396 23.64 -5.98 3.90
N LEU B 397 22.58 -5.79 3.11
CA LEU B 397 21.74 -6.90 2.65
C LEU B 397 21.89 -7.09 1.16
N GLN B 398 21.38 -8.21 0.66
CA GLN B 398 21.40 -8.50 -0.77
C GLN B 398 20.46 -7.51 -1.44
N PRO B 399 20.78 -7.05 -2.66
CA PRO B 399 19.90 -6.09 -3.34
C PRO B 399 18.55 -6.69 -3.75
N THR B 400 17.56 -5.83 -3.93
CA THR B 400 16.25 -6.30 -4.33
C THR B 400 15.78 -5.49 -5.54
N HIS B 401 15.09 -6.15 -6.46
CA HIS B 401 14.57 -5.52 -7.67
C HIS B 401 13.36 -4.64 -7.30
N PRO B 402 13.38 -3.35 -7.66
CA PRO B 402 12.28 -2.44 -7.33
C PRO B 402 10.89 -2.73 -7.91
N VAL B 403 10.80 -3.57 -8.94
CA VAL B 403 9.50 -3.87 -9.55
C VAL B 403 8.80 -5.08 -8.93
N TYR B 404 9.54 -6.18 -8.81
CA TYR B 404 9.02 -7.43 -8.27
C TYR B 404 9.29 -7.66 -6.78
N ASN B 405 10.33 -7.01 -6.28
CA ASN B 405 10.74 -7.15 -4.89
C ASN B 405 11.24 -8.55 -4.57
N ILE B 406 12.08 -9.05 -5.46
CA ILE B 406 12.76 -10.33 -5.29
C ILE B 406 14.15 -9.98 -5.81
N GLY B 407 15.14 -10.83 -5.56
CA GLY B 407 16.49 -10.53 -6.03
C GLY B 407 16.58 -10.29 -7.53
N PRO B 408 17.34 -9.27 -7.95
CA PRO B 408 17.52 -8.91 -9.36
C PRO B 408 17.96 -10.11 -10.22
N ASP B 409 18.75 -11.00 -9.63
CA ASP B 409 19.23 -12.18 -10.33
C ASP B 409 18.10 -13.16 -10.59
N LYS B 410 17.24 -13.32 -9.58
CA LYS B 410 16.09 -14.22 -9.68
C LYS B 410 15.17 -13.72 -10.79
N VAL B 411 15.06 -12.41 -10.92
CA VAL B 411 14.23 -11.83 -11.96
C VAL B 411 14.78 -12.21 -13.34
N ILE B 412 16.06 -11.91 -13.55
CA ILE B 412 16.72 -12.21 -14.80
C ILE B 412 16.70 -13.71 -15.08
N GLN B 413 16.97 -14.51 -14.06
CA GLN B 413 16.98 -15.94 -14.23
C GLN B 413 15.60 -16.46 -14.63
N ALA B 414 14.59 -16.07 -13.88
CA ALA B 414 13.23 -16.51 -14.19
C ALA B 414 12.78 -16.00 -15.56
N THR B 415 13.06 -14.73 -15.83
CA THR B 415 12.66 -14.11 -17.09
C THR B 415 13.25 -14.85 -18.28
N THR B 416 14.56 -15.09 -18.23
CA THR B 416 15.22 -15.79 -19.33
C THR B 416 14.65 -17.18 -19.47
N HIS B 417 14.45 -17.86 -18.34
CA HIS B 417 13.91 -19.21 -18.38
C HIS B 417 12.57 -19.30 -19.14
N PHE B 418 11.58 -18.53 -18.71
CA PHE B 418 10.27 -18.55 -19.36
C PHE B 418 10.27 -18.03 -20.78
N LEU B 419 11.31 -17.29 -21.17
CA LEU B 419 11.40 -16.80 -22.53
C LEU B 419 11.75 -17.97 -23.47
N GLN B 420 12.17 -19.10 -22.89
CA GLN B 420 12.51 -20.27 -23.68
C GLN B 420 11.26 -20.96 -24.21
N LYS B 421 10.10 -20.40 -23.89
CA LYS B 421 8.85 -20.98 -24.35
C LYS B 421 7.94 -19.88 -24.87
N PRO B 422 7.10 -20.19 -25.87
CA PRO B 422 6.20 -19.20 -26.44
C PRO B 422 5.03 -18.78 -25.56
N VAL B 423 4.43 -17.64 -25.89
CA VAL B 423 3.28 -17.14 -25.17
C VAL B 423 2.15 -18.07 -25.58
N PRO B 424 1.42 -18.64 -24.61
CA PRO B 424 0.32 -19.55 -24.90
C PRO B 424 -0.72 -18.98 -25.86
N GLY B 425 -1.52 -19.86 -26.44
CA GLY B 425 -2.55 -19.42 -27.39
C GLY B 425 -3.92 -20.01 -27.09
C1 GOL C . -11.49 -23.39 2.31
O1 GOL C . -10.71 -22.64 3.23
C2 GOL C . -10.61 -24.51 1.74
O2 GOL C . -9.89 -25.18 2.78
C3 GOL C . -11.40 -25.45 0.82
O3 GOL C . -10.58 -26.53 0.34
C1 GOL D . -3.89 8.20 12.99
O1 GOL D . -4.27 6.93 13.49
C2 GOL D . -5.09 9.16 12.99
O2 GOL D . -6.22 8.57 12.33
C3 GOL D . -4.62 10.47 12.30
O3 GOL D . -4.08 10.15 11.01
ZN ZN E . 2.83 -1.48 7.86
C1 FPP F . -5.17 1.42 4.38
O1 FPP F . -4.77 0.90 5.63
C2 FPP F . -4.42 0.70 3.30
C3 FPP F . -4.96 -0.22 2.49
C4 FPP F . -6.41 -0.65 2.60
C5 FPP F . -4.19 -0.93 1.39
C6 FPP F . -2.67 -0.58 1.30
C7 FPP F . -1.88 -1.52 0.34
C8 FPP F . -0.63 -1.98 0.55
C10 FPP F . 0.14 -1.66 1.77
C9 FPP F . 0.21 -2.87 -0.36
C11 FPP F . -0.50 -3.34 -1.62
C12 FPP F . 0.45 -4.12 -2.49
C13 FPP F . 0.29 -5.39 -2.87
C14 FPP F . 1.20 -5.99 -3.90
C15 FPP F . -0.77 -6.36 -2.38
PA FPP F . -4.49 1.77 7.00
O1A FPP F . -5.31 3.03 7.04
O2A FPP F . -4.72 0.87 8.19
O3A FPP F . -2.92 2.15 6.85
PB FPP F . -2.33 3.67 6.84
O1B FPP F . -2.70 4.30 5.47
O2B FPP F . -0.83 3.46 7.02
O3B FPP F . -2.99 4.45 7.98
C2 NH7 G . 0.16 -0.92 6.89
C7 NH7 G . -2.06 -3.87 6.59
C10 NH7 G . -1.68 -5.27 7.14
C11 NH7 G . -1.46 -5.68 8.41
C12 NH7 G . -1.01 -7.03 8.35
C13 NH7 G . -0.53 -7.95 9.29
C14 NH7 G . -0.16 -9.22 8.82
C15 NH7 G . -0.29 -9.59 7.45
C16 NH7 G . -0.79 -8.69 6.50
C21 NH7 G . -2.35 -4.09 5.12
C22 NH7 G . -1.28 -4.29 4.25
C24 NH7 G . -2.84 -4.63 2.43
C31 NH7 G . -0.99 -9.01 5.07
C32 NH7 G . -1.65 -10.20 4.66
C33 NH7 G . -1.84 -10.49 3.31
C34 NH7 G . -1.36 -9.60 2.34
C35 NH7 G . -0.71 -8.42 2.74
N1 NH7 G . -1.00 -1.50 6.47
N3 NH7 G . 0.92 -1.81 7.50
C4 NH7 G . 0.25 -2.99 7.49
C5 NH7 G . -0.94 -2.85 6.86
C6 NH7 G . -2.07 -0.80 5.75
O8 NH7 G . -3.24 -3.46 7.29
O9 NH7 G . -1.54 -6.34 6.28
C17 NH7 G . -1.11 -7.41 7.01
C23 NH7 G . -1.52 -4.55 2.90
C25 NH7 G . -3.93 -4.43 3.28
C26 NH7 G . -3.67 -4.16 4.63
CL27 NH7 G . -3.06 -5.01 0.76
C36 NH7 G . -0.52 -8.12 4.09
C41 NH7 G . 0.36 -10.18 9.79
O42 NH7 G . 1.16 -11.06 9.47
N43 NH7 G . -0.04 -10.04 11.10
N44 NH7 G . 0.40 -10.96 12.14
C45 NH7 G . -0.44 -12.18 12.10
C46 NH7 G . -0.04 -13.13 13.22
O47 NH7 G . -0.03 -12.44 14.47
C48 NH7 G . 0.90 -11.36 14.50
C49 NH7 G . 0.45 -10.32 13.48
C1 GOL H . 19.32 -3.11 -6.80
O1 GOL H . 18.49 -4.12 -7.36
C2 GOL H . 18.75 -1.74 -7.16
O2 GOL H . 19.81 -0.77 -7.32
C3 GOL H . 17.59 -1.28 -6.20
O3 GOL H . 18.02 -1.09 -4.82
C1 GOL I . -5.17 -10.04 5.11
O1 GOL I . -5.14 -11.00 6.17
C2 GOL I . -4.63 -8.68 5.60
O2 GOL I . -5.54 -8.03 6.48
C3 GOL I . -4.20 -7.79 4.41
O3 GOL I . -5.26 -7.67 3.47
C1 GOL J . 0.56 24.73 22.02
O1 GOL J . 1.21 24.32 20.80
C2 GOL J . 0.05 23.50 22.76
O2 GOL J . 1.12 22.64 23.19
C3 GOL J . -0.94 22.72 21.88
O3 GOL J . -2.10 23.53 21.62
#